data_3FD0
#
_entry.id   3FD0
#
_cell.length_a   131.890
_cell.length_b   131.890
_cell.length_c   116.740
_cell.angle_alpha   90.000
_cell.angle_beta   90.000
_cell.angle_gamma   120.000
#
_symmetry.space_group_name_H-M   'P 31 2 1'
#
loop_
_entity.id
_entity.type
_entity.pdbx_description
1 polymer 'putative cystathionine beta-lyase involved in aluminum resistance'
2 non-polymer 'CALCIUM ION'
3 non-polymer 1,2-ETHANEDIOL
4 non-polymer DI(HYDROXYETHYL)ETHER
5 non-polymer 'TRIETHYLENE GLYCOL'
6 water water
#
_entity_poly.entity_id   1
_entity_poly.type   'polypeptide(L)'
_entity_poly.pdbx_seq_one_letter_code
;G(MSE)TEIQTIRKKVEQQITSLQNETDEIAEFNQAKVLDAFQENKVSDFHFNPSTGYGYDDEGRDTLERVYASVFKTEA
ALVRPQIISGTHAISTVLFGILRPGDELLYITGEPYDTLEEIVGIRSEGQGSLKDFQIGYDAVPLLPNGEIDYPAVSKKI
SANTK(MSE)IGIQRSRGYADRPSFTIEKIKE(MSE)VTFVKNINPNIIVFVDNCYGEFVERIEPTEVGADIIAGSLI
(LLP)NPGGGLAKTGGYIAGRNTLVDLCGYRLTTPGIGREAGASLYSLLE(MSE)YQGFFLAPHVTAQAIKGARFTAA
(MSE)LAEFGVEADPLWDAKRTDLIQSVSFHSKDK(MSE)IAFAQAIQAASPVNAHVLPIGAY(MSE)PGYEDDVI
(MSE)AAGTFIQGASLELTADGPIREPYQLYVQGGLTYEHVKIAVTRAIENSL
;
_entity_poly.pdbx_strand_id   A,B
#
# COMPACT_ATOMS: atom_id res chain seq x y z
N THR A 3 25.60 32.74 -33.18
CA THR A 3 25.42 31.60 -34.07
C THR A 3 24.03 31.67 -34.69
N GLU A 4 23.78 30.72 -35.57
CA GLU A 4 22.52 30.62 -36.28
C GLU A 4 21.40 30.30 -35.31
N ILE A 5 21.53 29.12 -34.74
CA ILE A 5 20.57 28.55 -33.79
C ILE A 5 20.27 29.56 -32.69
N GLN A 6 21.30 30.27 -32.31
CA GLN A 6 21.19 31.31 -31.30
C GLN A 6 20.30 32.43 -31.80
N THR A 7 20.34 32.64 -33.11
CA THR A 7 19.59 33.74 -33.73
C THR A 7 18.13 33.37 -33.78
N ILE A 8 17.89 32.11 -34.05
CA ILE A 8 16.52 31.59 -34.08
C ILE A 8 15.93 31.61 -32.68
N ARG A 9 16.79 31.33 -31.70
CA ARG A 9 16.35 31.29 -30.30
C ARG A 9 15.98 32.67 -29.82
N LYS A 10 16.75 33.66 -30.23
CA LYS A 10 16.52 35.04 -29.79
C LYS A 10 15.13 35.48 -30.25
N LYS A 11 14.81 35.13 -31.48
CA LYS A 11 13.51 35.43 -32.14
C LYS A 11 12.35 34.68 -31.48
N VAL A 12 12.52 33.38 -31.39
CA VAL A 12 11.50 32.54 -30.79
C VAL A 12 11.25 32.89 -29.33
N GLU A 13 12.31 33.19 -28.59
CA GLU A 13 12.15 33.49 -27.17
C GLU A 13 11.42 34.80 -26.94
N GLN A 14 11.62 35.72 -27.85
CA GLN A 14 10.95 37.03 -27.78
C GLN A 14 9.49 36.81 -28.04
N GLN A 15 9.25 35.97 -29.02
CA GLN A 15 7.88 35.65 -29.45
C GLN A 15 7.01 35.04 -28.35
N ILE A 16 7.60 34.21 -27.51
CA ILE A 16 6.82 33.47 -26.48
C ILE A 16 6.85 34.11 -25.09
N THR A 17 7.62 35.17 -24.95
CA THR A 17 7.84 35.86 -23.66
C THR A 17 6.60 36.24 -22.87
N SER A 18 5.66 36.84 -23.59
CA SER A 18 4.41 37.26 -22.98
C SER A 18 3.67 36.08 -22.34
N LEU A 19 3.64 34.96 -23.03
CA LEU A 19 2.98 33.76 -22.51
C LEU A 19 3.80 33.15 -21.36
N GLN A 20 5.11 33.19 -21.47
CA GLN A 20 5.97 32.67 -20.39
C GLN A 20 5.72 33.48 -19.09
N ASN A 21 5.46 34.77 -19.27
CA ASN A 21 5.19 35.70 -18.16
C ASN A 21 3.87 35.38 -17.47
N GLU A 22 2.90 35.01 -18.28
CA GLU A 22 1.60 34.58 -17.76
C GLU A 22 1.77 33.31 -16.92
N THR A 23 2.63 32.40 -17.39
CA THR A 23 2.91 31.15 -16.68
C THR A 23 3.53 31.48 -15.31
N ASP A 24 4.42 32.46 -15.31
CA ASP A 24 5.07 32.88 -14.06
C ASP A 24 4.09 33.51 -13.08
N GLU A 25 3.11 34.19 -13.63
CA GLU A 25 2.06 34.83 -12.84
CA GLU A 25 2.08 34.82 -12.82
C GLU A 25 1.22 33.74 -12.16
N ILE A 26 0.94 32.69 -12.91
CA ILE A 26 0.17 31.54 -12.40
C ILE A 26 0.97 30.85 -11.30
N ALA A 27 2.27 30.78 -11.53
CA ALA A 27 3.22 30.13 -10.60
C ALA A 27 3.22 30.86 -9.26
N GLU A 28 3.22 32.18 -9.31
CA GLU A 28 3.20 32.97 -8.08
C GLU A 28 1.88 32.80 -7.32
N PHE A 29 0.77 32.83 -8.06
CA PHE A 29 -0.55 32.61 -7.46
C PHE A 29 -0.60 31.25 -6.72
N ASN A 30 -0.14 30.24 -7.42
CA ASN A 30 -0.16 28.88 -6.93
C ASN A 30 0.81 28.68 -5.77
N GLN A 31 1.94 29.33 -5.86
CA GLN A 31 2.92 29.28 -4.79
C GLN A 31 2.35 29.85 -3.53
N ALA A 32 1.56 30.91 -3.67
CA ALA A 32 0.93 31.59 -2.52
C ALA A 32 -0.16 30.71 -1.94
N LYS A 33 -0.87 30.04 -2.83
CA LYS A 33 -1.97 29.14 -2.47
C LYS A 33 -1.40 28.02 -1.58
N VAL A 34 -0.27 27.49 -2.01
CA VAL A 34 0.36 26.38 -1.27
C VAL A 34 0.90 26.87 0.08
N LEU A 35 1.59 28.00 0.06
CA LEU A 35 2.13 28.65 1.27
C LEU A 35 1.00 28.89 2.28
N ASP A 36 -0.12 29.43 1.81
CA ASP A 36 -1.22 29.72 2.70
C ASP A 36 -1.75 28.44 3.37
N ALA A 37 -1.72 27.34 2.61
CA ALA A 37 -2.17 26.04 3.10
C ALA A 37 -1.23 25.50 4.18
N PHE A 38 0.07 25.72 4.00
CA PHE A 38 1.07 25.30 5.02
C PHE A 38 0.83 26.10 6.31
N GLN A 39 0.56 27.38 6.14
CA GLN A 39 0.34 28.29 7.29
C GLN A 39 -0.94 27.94 8.02
N GLU A 40 -1.98 27.78 7.23
CA GLU A 40 -3.29 27.44 7.74
C GLU A 40 -3.24 26.16 8.57
N ASN A 41 -2.36 25.25 8.17
CA ASN A 41 -2.27 23.93 8.83
C ASN A 41 -1.13 23.79 9.81
N LYS A 42 -0.51 24.93 10.05
CA LYS A 42 0.56 25.07 11.03
C LYS A 42 1.67 24.04 10.90
N VAL A 43 2.12 23.91 9.67
CA VAL A 43 3.22 23.01 9.34
C VAL A 43 4.45 23.35 10.16
N SER A 44 4.90 22.31 10.84
CA SER A 44 6.06 22.34 11.70
CA SER A 44 6.06 22.36 11.70
C SER A 44 7.09 21.29 11.31
N ASP A 45 8.30 21.49 11.78
CA ASP A 45 9.40 20.56 11.51
C ASP A 45 9.11 19.19 12.14
N PHE A 46 8.30 19.15 13.20
CA PHE A 46 7.98 17.83 13.80
C PHE A 46 7.09 17.00 12.87
N HIS A 47 6.49 17.68 11.90
CA HIS A 47 5.59 17.02 10.92
C HIS A 47 6.31 16.17 9.88
N PHE A 48 7.63 16.20 9.96
CA PHE A 48 8.46 15.43 9.06
C PHE A 48 8.95 14.16 9.71
N ASN A 49 8.69 14.04 10.99
CA ASN A 49 9.13 12.87 11.75
C ASN A 49 8.54 11.53 11.28
N PRO A 50 9.34 10.49 11.32
CA PRO A 50 8.79 9.22 10.88
C PRO A 50 7.83 8.56 11.84
N SER A 51 6.99 7.72 11.28
CA SER A 51 6.15 6.84 12.11
C SER A 51 6.45 5.42 11.67
N THR A 52 6.41 4.52 12.62
CA THR A 52 6.62 3.09 12.39
C THR A 52 5.40 2.30 12.79
N GLY A 53 5.55 1.01 12.57
CA GLY A 53 4.51 0.05 12.91
C GLY A 53 3.20 0.33 12.24
N TYR A 54 2.17 0.49 13.03
CA TYR A 54 0.82 0.72 12.50
C TYR A 54 0.63 2.12 11.95
N GLY A 55 1.45 3.04 12.40
CA GLY A 55 1.34 4.41 11.94
C GLY A 55 0.15 5.15 12.52
N TYR A 56 -0.31 4.68 13.65
CA TYR A 56 -1.41 5.35 14.35
C TYR A 56 -0.98 6.71 14.88
N ASP A 57 -1.89 7.67 14.72
CA ASP A 57 -1.72 9.02 15.26
C ASP A 57 -0.52 9.74 14.72
N ASP A 58 -0.27 9.52 13.46
CA ASP A 58 0.82 10.21 12.75
C ASP A 58 0.33 11.61 12.35
N GLU A 59 0.67 12.62 13.15
CA GLU A 59 0.22 14.00 12.89
C GLU A 59 0.86 14.59 11.65
N GLY A 60 2.06 14.12 11.33
CA GLY A 60 2.77 14.60 10.13
C GLY A 60 2.03 14.16 8.87
N ARG A 61 1.60 12.90 8.89
CA ARG A 61 0.88 12.32 7.76
C ARG A 61 -0.47 13.01 7.63
N ASP A 62 -1.12 13.20 8.76
CA ASP A 62 -2.44 13.83 8.75
C ASP A 62 -2.39 15.29 8.28
N THR A 63 -1.35 15.99 8.70
CA THR A 63 -1.17 17.41 8.39
C THR A 63 -0.87 17.57 6.87
N LEU A 64 -0.09 16.65 6.32
CA LEU A 64 0.19 16.68 4.89
C LEU A 64 -1.12 16.55 4.13
N GLU A 65 -1.98 15.69 4.64
CA GLU A 65 -3.28 15.42 4.01
C GLU A 65 -4.20 16.65 4.06
N ARG A 66 -4.17 17.32 5.20
CA ARG A 66 -4.90 18.58 5.40
C ARG A 66 -4.37 19.69 4.48
N VAL A 67 -3.06 19.74 4.30
CA VAL A 67 -2.44 20.71 3.37
C VAL A 67 -2.93 20.47 1.93
N TYR A 68 -2.93 19.20 1.52
CA TYR A 68 -3.46 18.87 0.18
C TYR A 68 -4.93 19.33 0.02
N ALA A 69 -5.72 19.04 1.04
CA ALA A 69 -7.15 19.33 1.04
C ALA A 69 -7.38 20.82 0.99
N SER A 70 -6.54 21.55 1.69
CA SER A 70 -6.61 23.01 1.71
C SER A 70 -6.31 23.61 0.34
N VAL A 71 -5.29 23.07 -0.31
CA VAL A 71 -4.89 23.59 -1.62
C VAL A 71 -5.93 23.32 -2.71
N PHE A 72 -6.43 22.07 -2.72
CA PHE A 72 -7.45 21.60 -3.67
C PHE A 72 -8.87 22.03 -3.30
N LYS A 73 -8.99 22.59 -2.11
CA LYS A 73 -10.25 23.10 -1.58
C LYS A 73 -11.28 22.00 -1.47
N THR A 74 -10.79 20.92 -0.87
CA THR A 74 -11.60 19.76 -0.56
C THR A 74 -11.65 19.58 0.93
N GLU A 75 -12.64 18.81 1.35
CA GLU A 75 -12.81 18.48 2.77
C GLU A 75 -11.72 17.58 3.28
N ALA A 76 -11.27 16.70 2.40
CA ALA A 76 -10.33 15.65 2.77
C ALA A 76 -9.36 15.26 1.68
N ALA A 77 -8.29 14.62 2.12
CA ALA A 77 -7.29 14.07 1.18
C ALA A 77 -6.59 12.86 1.77
N LEU A 78 -6.17 12.01 0.86
CA LEU A 78 -5.41 10.82 1.17
C LEU A 78 -4.14 10.97 0.34
N VAL A 79 -3.01 11.09 1.02
CA VAL A 79 -1.73 11.25 0.32
C VAL A 79 -0.65 10.48 1.05
N ARG A 80 -0.19 9.42 0.43
CA ARG A 80 0.78 8.58 1.10
C ARG A 80 1.48 7.61 0.18
N PRO A 81 2.63 7.13 0.65
CA PRO A 81 3.55 6.20 -0.03
C PRO A 81 2.86 4.87 -0.33
N GLN A 82 1.87 4.55 0.48
CA GLN A 82 1.05 3.33 0.33
C GLN A 82 0.32 3.29 -1.02
N ILE A 83 0.09 4.48 -1.59
CA ILE A 83 -0.47 4.60 -2.95
C ILE A 83 0.73 4.60 -3.84
N ILE A 84 0.88 3.59 -4.68
CA ILE A 84 2.13 3.39 -5.41
C ILE A 84 2.22 4.08 -6.75
N SER A 85 1.10 4.63 -7.18
CA SER A 85 1.05 5.36 -8.46
C SER A 85 -0.26 6.08 -8.67
N GLY A 86 -0.34 6.71 -9.83
CA GLY A 86 -1.53 7.44 -10.23
C GLY A 86 -2.61 6.41 -10.50
N THR A 87 -2.23 5.32 -11.16
CA THR A 87 -3.19 4.28 -11.51
C THR A 87 -3.82 3.66 -10.26
N HIS A 88 -2.98 3.49 -9.26
CA HIS A 88 -3.36 2.90 -8.01
C HIS A 88 -4.27 3.86 -7.28
N ALA A 89 -3.97 5.15 -7.39
CA ALA A 89 -4.84 6.19 -6.76
C ALA A 89 -6.25 6.13 -7.37
N ILE A 90 -6.26 6.05 -8.69
CA ILE A 90 -7.50 6.04 -9.49
C ILE A 90 -8.31 4.79 -9.20
N SER A 91 -7.63 3.65 -9.19
CA SER A 91 -8.26 2.34 -8.90
C SER A 91 -8.88 2.38 -7.49
N THR A 92 -8.17 3.01 -6.58
CA THR A 92 -8.60 3.10 -5.17
C THR A 92 -9.92 3.88 -5.07
N VAL A 93 -10.03 4.89 -5.94
CA VAL A 93 -11.23 5.72 -5.99
C VAL A 93 -12.42 4.91 -6.51
N LEU A 94 -12.17 4.15 -7.59
CA LEU A 94 -13.21 3.40 -8.25
C LEU A 94 -13.71 2.26 -7.36
N PHE A 95 -12.82 1.45 -6.83
CA PHE A 95 -13.22 0.32 -5.99
C PHE A 95 -13.68 0.78 -4.61
N GLY A 96 -13.15 1.91 -4.20
CA GLY A 96 -13.50 2.48 -2.91
C GLY A 96 -14.95 2.92 -2.86
N ILE A 97 -15.41 3.52 -3.96
CA ILE A 97 -16.76 4.08 -4.01
C ILE A 97 -17.80 3.14 -4.63
N LEU A 98 -17.43 2.47 -5.72
CA LEU A 98 -18.38 1.62 -6.47
C LEU A 98 -18.66 0.30 -5.77
N ARG A 99 -19.89 -0.15 -5.97
CA ARG A 99 -20.40 -1.40 -5.43
C ARG A 99 -21.20 -2.16 -6.46
N PRO A 100 -21.42 -3.46 -6.21
CA PRO A 100 -22.22 -4.26 -7.16
C PRO A 100 -23.54 -3.61 -7.52
N GLY A 101 -23.77 -3.57 -8.82
CA GLY A 101 -24.96 -2.97 -9.40
C GLY A 101 -24.73 -1.54 -9.86
N ASP A 102 -23.67 -0.93 -9.37
CA ASP A 102 -23.28 0.44 -9.77
C ASP A 102 -22.66 0.43 -11.15
N GLU A 103 -22.75 1.58 -11.80
CA GLU A 103 -22.14 1.82 -13.09
C GLU A 103 -21.27 3.05 -13.11
N LEU A 104 -20.13 2.90 -13.78
CA LEU A 104 -19.16 3.98 -14.04
C LEU A 104 -19.25 4.36 -15.51
N LEU A 105 -19.37 5.65 -15.76
CA LEU A 105 -19.38 6.19 -17.11
C LEU A 105 -18.29 7.26 -17.31
N TYR A 106 -17.32 6.90 -18.14
CA TYR A 106 -16.27 7.82 -18.58
C TYR A 106 -16.82 8.59 -19.76
N ILE A 107 -16.74 9.90 -19.69
CA ILE A 107 -17.34 10.76 -20.71
C ILE A 107 -16.33 11.40 -21.65
N THR A 108 -15.06 11.29 -21.27
CA THR A 108 -13.93 11.89 -22.00
C THR A 108 -13.28 10.92 -23.02
N GLY A 109 -14.11 10.00 -23.49
CA GLY A 109 -13.71 8.93 -24.38
C GLY A 109 -13.03 7.85 -23.55
N GLU A 110 -12.50 6.86 -24.25
CA GLU A 110 -11.83 5.74 -23.57
C GLU A 110 -10.60 6.28 -22.83
N PRO A 111 -10.46 5.93 -21.56
CA PRO A 111 -9.35 6.45 -20.80
C PRO A 111 -8.05 5.68 -21.05
N TYR A 112 -7.00 6.11 -20.37
CA TYR A 112 -5.67 5.51 -20.58
C TYR A 112 -5.69 3.98 -20.40
N ASP A 113 -4.94 3.34 -21.28
CA ASP A 113 -4.88 1.87 -21.40
C ASP A 113 -4.79 1.06 -20.12
N THR A 114 -4.08 1.57 -19.14
CA THR A 114 -3.88 0.84 -17.88
C THR A 114 -5.17 0.60 -17.14
N LEU A 115 -6.14 1.47 -17.41
CA LEU A 115 -7.44 1.37 -16.77
C LEU A 115 -8.26 0.27 -17.38
N GLU A 116 -7.75 -0.31 -18.46
CA GLU A 116 -8.47 -1.33 -19.22
C GLU A 116 -8.80 -2.51 -18.38
N GLU A 117 -7.75 -3.05 -17.79
CA GLU A 117 -7.85 -4.22 -16.91
C GLU A 117 -8.61 -3.90 -15.66
N ILE A 118 -8.47 -2.67 -15.20
CA ILE A 118 -9.13 -2.25 -13.97
C ILE A 118 -10.63 -2.33 -14.12
N VAL A 119 -11.14 -1.86 -15.26
CA VAL A 119 -12.59 -1.77 -15.48
C VAL A 119 -13.16 -3.12 -15.90
N GLY A 120 -12.30 -3.91 -16.52
CA GLY A 120 -12.65 -5.28 -16.87
C GLY A 120 -12.88 -5.52 -18.33
N ILE A 121 -12.44 -4.60 -19.16
CA ILE A 121 -12.61 -4.78 -20.60
C ILE A 121 -11.31 -5.27 -21.21
N ARG A 122 -10.36 -5.59 -20.35
CA ARG A 122 -9.05 -6.07 -20.83
C ARG A 122 -8.74 -7.48 -20.41
N SER A 123 -9.15 -7.92 -19.23
CA SER A 123 -8.90 -9.32 -18.89
C SER A 123 -10.02 -9.99 -18.16
N GLU A 124 -9.64 -11.07 -17.51
CA GLU A 124 -10.59 -11.88 -16.78
C GLU A 124 -9.97 -12.43 -15.51
N GLY A 125 -10.83 -12.50 -14.51
CA GLY A 125 -10.51 -13.08 -13.21
C GLY A 125 -9.57 -12.34 -12.27
N GLN A 126 -9.06 -11.20 -12.73
CA GLN A 126 -8.06 -10.39 -11.95
C GLN A 126 -8.64 -9.55 -10.83
N GLY A 127 -9.96 -9.48 -10.78
CA GLY A 127 -10.65 -8.66 -9.77
C GLY A 127 -10.96 -7.25 -10.25
N SER A 128 -11.32 -7.18 -11.52
CA SER A 128 -11.76 -5.95 -12.18
C SER A 128 -13.12 -5.49 -11.68
N LEU A 129 -13.52 -4.30 -12.11
CA LEU A 129 -14.81 -3.75 -11.68
C LEU A 129 -15.87 -4.75 -12.10
N LYS A 130 -15.66 -5.31 -13.28
CA LYS A 130 -16.58 -6.25 -13.90
C LYS A 130 -16.69 -7.52 -13.06
N ASP A 131 -15.55 -8.00 -12.59
CA ASP A 131 -15.50 -9.22 -11.78
C ASP A 131 -16.30 -9.03 -10.47
N PHE A 132 -16.48 -7.78 -10.09
CA PHE A 132 -17.16 -7.40 -8.84
C PHE A 132 -18.52 -6.79 -9.11
N GLN A 133 -19.03 -7.15 -10.28
CA GLN A 133 -20.38 -6.78 -10.73
CA GLN A 133 -20.38 -6.77 -10.73
C GLN A 133 -20.62 -5.27 -10.82
N ILE A 134 -19.58 -4.55 -11.18
CA ILE A 134 -19.65 -3.12 -11.37
C ILE A 134 -19.57 -2.88 -12.89
N GLY A 135 -20.54 -2.13 -13.37
CA GLY A 135 -20.66 -1.76 -14.76
C GLY A 135 -19.79 -0.60 -15.19
N TYR A 136 -19.41 -0.64 -16.46
CA TYR A 136 -18.56 0.39 -17.07
C TYR A 136 -18.85 0.67 -18.52
N ASP A 137 -18.71 1.93 -18.88
CA ASP A 137 -18.79 2.32 -20.26
C ASP A 137 -18.05 3.64 -20.42
N ALA A 138 -17.72 3.95 -21.66
CA ALA A 138 -17.04 5.19 -22.05
C ALA A 138 -17.79 5.78 -23.24
N VAL A 139 -17.95 7.10 -23.21
CA VAL A 139 -18.61 7.80 -24.34
C VAL A 139 -17.48 8.36 -25.20
N PRO A 140 -17.39 7.94 -26.48
CA PRO A 140 -16.38 8.55 -27.33
C PRO A 140 -16.56 10.04 -27.51
N LEU A 141 -15.44 10.70 -27.68
CA LEU A 141 -15.49 12.13 -27.99
C LEU A 141 -15.98 12.34 -29.42
N LEU A 142 -16.45 13.54 -29.66
CA LEU A 142 -16.77 13.97 -31.03
C LEU A 142 -15.44 13.99 -31.81
N PRO A 143 -15.50 13.99 -33.15
CA PRO A 143 -14.25 13.97 -33.93
C PRO A 143 -13.30 15.13 -33.69
N ASN A 144 -13.84 16.25 -33.24
CA ASN A 144 -13.04 17.45 -32.94
C ASN A 144 -12.42 17.39 -31.53
N GLY A 145 -12.70 16.31 -30.83
CA GLY A 145 -12.19 16.15 -29.48
C GLY A 145 -13.04 16.69 -28.35
N GLU A 146 -14.19 17.28 -28.70
CA GLU A 146 -15.15 17.78 -27.71
C GLU A 146 -16.05 16.64 -27.22
N ILE A 147 -16.67 16.89 -26.08
CA ILE A 147 -17.61 15.94 -25.46
C ILE A 147 -18.86 15.85 -26.31
N ASP A 148 -19.33 14.62 -26.43
CA ASP A 148 -20.56 14.31 -27.15
C ASP A 148 -21.67 14.29 -26.13
N TYR A 149 -22.23 15.46 -25.92
CA TYR A 149 -23.26 15.65 -24.89
C TYR A 149 -24.52 14.80 -25.11
N PRO A 150 -25.00 14.65 -26.35
CA PRO A 150 -26.17 13.80 -26.51
C PRO A 150 -25.90 12.35 -26.17
N ALA A 151 -24.69 11.89 -26.51
CA ALA A 151 -24.33 10.51 -26.22
C ALA A 151 -24.22 10.38 -24.69
N VAL A 152 -23.64 11.38 -24.05
CA VAL A 152 -23.50 11.34 -22.58
C VAL A 152 -24.89 11.26 -21.92
N SER A 153 -25.81 12.11 -22.38
CA SER A 153 -27.17 12.15 -21.81
C SER A 153 -27.84 10.80 -21.95
N LYS A 154 -27.64 10.15 -23.09
CA LYS A 154 -28.29 8.87 -23.36
C LYS A 154 -27.71 7.74 -22.52
N LYS A 155 -26.46 7.85 -22.12
CA LYS A 155 -25.83 6.80 -21.32
C LYS A 155 -25.91 6.97 -19.83
N ILE A 156 -26.42 8.10 -19.36
CA ILE A 156 -26.58 8.28 -17.92
C ILE A 156 -27.93 7.69 -17.52
N SER A 157 -27.91 6.75 -16.58
CA SER A 157 -29.14 6.19 -16.05
C SER A 157 -29.17 6.34 -14.54
N ALA A 158 -30.18 5.71 -13.95
CA ALA A 158 -30.38 5.72 -12.51
C ALA A 158 -29.27 4.93 -11.85
N ASN A 159 -28.68 4.02 -12.60
CA ASN A 159 -27.60 3.18 -12.05
C ASN A 159 -26.21 3.76 -12.22
N THR A 160 -26.17 4.93 -12.83
CA THR A 160 -24.90 5.64 -13.05
C THR A 160 -24.54 6.33 -11.78
N LYS A 161 -23.56 5.73 -11.13
CA LYS A 161 -23.13 6.19 -9.82
C LYS A 161 -22.06 7.23 -9.93
N ILE A 163 -19.32 9.45 -12.74
CA ILE A 163 -18.87 10.00 -13.99
C ILE A 163 -17.35 10.17 -13.90
N GLY A 164 -16.64 9.61 -14.86
CA GLY A 164 -15.21 9.70 -14.95
C GLY A 164 -14.81 10.69 -16.04
N ILE A 165 -13.88 11.56 -15.67
CA ILE A 165 -13.30 12.59 -16.53
C ILE A 165 -11.79 12.53 -16.49
N GLN A 166 -11.17 12.33 -17.64
CA GLN A 166 -9.71 12.35 -17.75
C GLN A 166 -9.26 13.68 -18.33
N ARG A 167 -8.62 14.49 -17.47
CA ARG A 167 -8.19 15.86 -17.85
C ARG A 167 -7.22 15.84 -19.02
N SER A 168 -6.12 15.15 -18.79
CA SER A 168 -5.04 15.00 -19.78
C SER A 168 -5.35 14.02 -20.89
N ARG A 169 -4.99 14.44 -22.07
CA ARG A 169 -5.11 13.64 -23.28
C ARG A 169 -4.35 12.34 -23.24
N GLY A 170 -3.32 12.29 -22.42
CA GLY A 170 -2.45 11.14 -22.45
C GLY A 170 -1.96 10.99 -23.89
N TYR A 171 -2.14 9.78 -24.42
CA TYR A 171 -1.78 9.40 -25.79
C TYR A 171 -2.94 9.56 -26.78
N ALA A 172 -4.13 9.87 -26.25
CA ALA A 172 -5.29 10.08 -27.10
C ALA A 172 -5.04 11.30 -28.01
N ASP A 173 -5.51 11.18 -29.24
CA ASP A 173 -5.33 12.25 -30.23
C ASP A 173 -6.43 13.30 -30.09
N ARG A 174 -6.39 13.98 -28.97
CA ARG A 174 -7.36 15.04 -28.70
C ARG A 174 -6.78 16.01 -27.69
N PRO A 175 -7.29 17.23 -27.69
CA PRO A 175 -6.74 18.15 -26.71
C PRO A 175 -7.09 17.83 -25.28
N SER A 176 -6.15 18.14 -24.41
CA SER A 176 -6.37 18.03 -23.00
C SER A 176 -7.46 19.04 -22.66
N PHE A 177 -8.29 18.64 -21.70
CA PHE A 177 -9.43 19.46 -21.25
C PHE A 177 -9.07 20.46 -20.18
N THR A 178 -9.29 21.73 -20.52
CA THR A 178 -9.08 22.83 -19.60
C THR A 178 -10.09 22.76 -18.45
N ILE A 179 -9.78 23.51 -17.41
CA ILE A 179 -10.60 23.59 -16.22
C ILE A 179 -11.95 24.17 -16.63
N GLU A 180 -11.94 25.11 -17.56
CA GLU A 180 -13.19 25.72 -18.07
C GLU A 180 -14.06 24.68 -18.75
N LYS A 181 -13.42 23.84 -19.56
CA LYS A 181 -14.14 22.77 -20.24
C LYS A 181 -14.69 21.73 -19.23
N ILE A 182 -13.86 21.41 -18.25
CA ILE A 182 -14.21 20.43 -17.21
C ILE A 182 -15.40 20.97 -16.42
N LYS A 183 -15.36 22.26 -16.12
CA LYS A 183 -16.49 22.90 -15.43
C LYS A 183 -17.81 22.71 -16.21
N GLU A 184 -17.73 22.84 -17.54
CA GLU A 184 -18.91 22.69 -18.42
C GLU A 184 -19.52 21.30 -18.29
N VAL A 186 -19.05 19.12 -15.77
CA VAL A 186 -19.53 18.88 -14.41
C VAL A 186 -20.91 19.50 -14.22
N THR A 187 -21.06 20.72 -14.72
CA THR A 187 -22.32 21.44 -14.55
C THR A 187 -23.44 20.68 -15.21
N PHE A 188 -23.11 20.17 -16.39
CA PHE A 188 -24.04 19.42 -17.25
C PHE A 188 -24.54 18.15 -16.58
N VAL A 189 -23.62 17.28 -16.17
CA VAL A 189 -23.99 16.00 -15.53
C VAL A 189 -24.73 16.20 -14.19
N LYS A 190 -24.28 17.18 -13.41
CA LYS A 190 -24.95 17.55 -12.14
C LYS A 190 -26.38 18.06 -12.38
N ASN A 191 -26.60 18.71 -13.51
CA ASN A 191 -27.94 19.19 -13.87
C ASN A 191 -28.84 18.00 -14.14
N ILE A 192 -28.23 16.93 -14.63
CA ILE A 192 -28.99 15.69 -14.92
C ILE A 192 -29.28 14.95 -13.62
N ASN A 193 -28.29 14.94 -12.73
CA ASN A 193 -28.43 14.29 -11.43
C ASN A 193 -27.43 14.87 -10.41
N PRO A 194 -27.92 15.68 -9.47
CA PRO A 194 -27.00 16.33 -8.55
C PRO A 194 -26.28 15.38 -7.59
N ASN A 195 -26.80 14.17 -7.47
CA ASN A 195 -26.24 13.13 -6.56
C ASN A 195 -25.18 12.29 -7.23
N ILE A 196 -25.01 12.51 -8.51
CA ILE A 196 -24.00 11.79 -9.28
C ILE A 196 -22.61 12.23 -8.80
N ILE A 197 -21.72 11.25 -8.63
CA ILE A 197 -20.38 11.49 -8.17
C ILE A 197 -19.48 11.76 -9.38
N VAL A 198 -18.88 12.95 -9.39
CA VAL A 198 -17.94 13.29 -10.45
C VAL A 198 -16.47 13.18 -10.00
N PHE A 199 -15.78 12.28 -10.70
CA PHE A 199 -14.36 11.99 -10.50
C PHE A 199 -13.53 12.50 -11.67
N VAL A 200 -12.45 13.20 -11.35
CA VAL A 200 -11.53 13.69 -12.35
C VAL A 200 -10.14 13.15 -12.09
N ASP A 201 -9.65 12.41 -13.10
CA ASP A 201 -8.26 11.94 -13.16
C ASP A 201 -7.49 13.21 -13.49
N ASN A 202 -6.75 13.70 -12.50
CA ASN A 202 -6.12 15.01 -12.59
C ASN A 202 -4.65 15.04 -12.97
N CYS A 203 -4.09 13.88 -13.27
CA CYS A 203 -2.66 13.76 -13.62
C CYS A 203 -2.22 14.74 -14.67
N TYR A 204 -1.07 15.34 -14.36
CA TYR A 204 -0.35 16.30 -15.21
C TYR A 204 -0.94 17.67 -15.26
N GLY A 205 -2.09 17.82 -14.65
CA GLY A 205 -2.76 19.10 -14.63
C GLY A 205 -2.53 19.98 -13.42
N GLU A 206 -1.97 19.40 -12.38
CA GLU A 206 -1.79 20.13 -11.11
C GLU A 206 -0.87 21.35 -11.25
N PHE A 207 -1.42 22.47 -10.81
CA PHE A 207 -0.77 23.79 -10.77
C PHE A 207 -0.54 24.42 -12.17
N VAL A 208 -1.08 23.81 -13.20
CA VAL A 208 -0.99 24.41 -14.54
C VAL A 208 -1.91 25.64 -14.69
N GLU A 209 -3.08 25.60 -14.03
CA GLU A 209 -3.98 26.75 -13.96
C GLU A 209 -4.07 27.16 -12.49
N ARG A 210 -4.76 28.25 -12.23
CA ARG A 210 -4.87 28.75 -10.87
C ARG A 210 -5.89 27.97 -10.07
N ILE A 211 -6.68 27.21 -10.81
CA ILE A 211 -7.82 26.42 -10.29
CA ILE A 211 -7.74 26.40 -10.19
C ILE A 211 -7.70 24.96 -10.64
N GLU A 212 -8.25 24.13 -9.76
CA GLU A 212 -8.28 22.68 -9.93
C GLU A 212 -9.74 22.17 -10.14
N PRO A 213 -9.91 20.91 -10.58
CA PRO A 213 -11.31 20.48 -10.85
C PRO A 213 -12.25 20.47 -9.66
N THR A 214 -11.67 20.32 -8.48
CA THR A 214 -12.41 20.33 -7.22
C THR A 214 -12.99 21.69 -6.93
N GLU A 215 -12.59 22.68 -7.72
CA GLU A 215 -13.11 24.05 -7.57
C GLU A 215 -14.20 24.35 -8.61
N VAL A 216 -14.45 23.40 -9.50
CA VAL A 216 -15.45 23.60 -10.53
C VAL A 216 -16.48 22.47 -10.44
N GLY A 217 -16.58 21.90 -9.26
CA GLY A 217 -17.64 20.93 -8.98
C GLY A 217 -17.28 19.47 -8.87
N ALA A 218 -16.03 19.12 -9.16
CA ALA A 218 -15.61 17.71 -9.03
C ALA A 218 -15.74 17.29 -7.58
N ASP A 219 -16.23 16.10 -7.39
CA ASP A 219 -16.43 15.59 -6.04
C ASP A 219 -15.14 14.98 -5.48
N ILE A 220 -14.37 14.41 -6.37
CA ILE A 220 -13.16 13.70 -6.01
C ILE A 220 -12.20 13.69 -7.19
N ILE A 221 -10.92 13.82 -6.86
CA ILE A 221 -9.85 13.76 -7.86
C ILE A 221 -8.72 12.86 -7.39
N ALA A 222 -7.90 12.46 -8.33
CA ALA A 222 -6.73 11.65 -8.02
C ALA A 222 -5.57 11.94 -8.96
N GLY A 223 -4.37 11.65 -8.49
CA GLY A 223 -3.16 11.81 -9.27
C GLY A 223 -1.93 11.10 -8.71
N SER A 224 -0.81 11.35 -9.38
CA SER A 224 0.51 10.74 -9.09
C SER A 224 1.47 11.77 -8.54
N LEU A 225 2.26 11.34 -7.54
CA LEU A 225 3.26 12.21 -6.90
C LEU A 225 4.58 12.20 -7.66
N ILE A 226 4.74 11.32 -8.63
CA ILE A 226 5.98 11.33 -9.48
C ILE A 226 5.76 12.20 -10.73
N ASN A 228 3.45 16.16 -11.44
CA ASN A 228 3.43 17.55 -10.93
C ASN A 228 3.49 17.83 -9.39
N PRO A 229 2.55 17.27 -8.62
CA PRO A 229 2.46 17.65 -7.20
C PRO A 229 3.63 17.20 -6.34
N GLY A 230 4.44 16.32 -6.90
CA GLY A 230 5.63 15.82 -6.22
C GLY A 230 6.84 16.73 -6.30
N GLY A 231 6.71 17.74 -7.15
CA GLY A 231 7.75 18.78 -7.39
C GLY A 231 9.12 18.25 -7.75
N GLY A 232 9.14 17.01 -8.20
CA GLY A 232 10.37 16.35 -8.62
C GLY A 232 11.10 15.62 -7.50
N LEU A 233 10.59 15.76 -6.29
CA LEU A 233 11.23 15.24 -5.08
C LEU A 233 10.59 14.00 -4.52
N ALA A 234 9.29 13.82 -4.70
CA ALA A 234 8.60 12.61 -4.17
C ALA A 234 9.10 11.41 -4.93
N LYS A 235 9.54 10.43 -4.17
CA LYS A 235 10.14 9.22 -4.74
C LYS A 235 9.13 8.21 -5.20
N THR A 236 7.91 8.33 -4.68
CA THR A 236 6.81 7.48 -5.08
C THR A 236 5.48 8.09 -4.61
N GLY A 237 4.39 7.38 -4.86
CA GLY A 237 3.09 7.79 -4.32
C GLY A 237 2.07 8.37 -5.25
N GLY A 238 0.94 8.58 -4.61
CA GLY A 238 -0.28 9.13 -5.22
C GLY A 238 -1.15 9.86 -4.22
N TYR A 239 -2.08 10.65 -4.73
CA TYR A 239 -3.05 11.39 -3.90
C TYR A 239 -4.49 11.25 -4.39
N ILE A 240 -5.38 11.39 -3.44
CA ILE A 240 -6.81 11.44 -3.64
C ILE A 240 -7.28 12.63 -2.83
N ALA A 241 -8.10 13.50 -3.41
CA ALA A 241 -8.69 14.66 -2.65
C ALA A 241 -10.16 14.78 -3.00
N GLY A 242 -10.97 14.99 -1.99
CA GLY A 242 -12.39 15.14 -2.24
C GLY A 242 -13.23 15.22 -0.99
N ARG A 243 -14.50 14.86 -1.13
CA ARG A 243 -15.44 14.94 -0.01
C ARG A 243 -15.05 13.91 1.06
N ASN A 244 -15.32 14.26 2.31
CA ASN A 244 -14.92 13.39 3.43
CA ASN A 244 -14.97 13.41 3.47
C ASN A 244 -15.49 11.99 3.34
N THR A 245 -16.76 11.87 2.99
CA THR A 245 -17.40 10.54 2.87
C THR A 245 -16.69 9.68 1.82
N LEU A 246 -16.34 10.29 0.70
CA LEU A 246 -15.71 9.58 -0.41
C LEU A 246 -14.26 9.18 -0.09
N VAL A 247 -13.57 10.08 0.58
CA VAL A 247 -12.17 9.86 0.96
C VAL A 247 -12.12 8.78 2.04
N ASP A 248 -13.15 8.75 2.87
CA ASP A 248 -13.27 7.69 3.90
C ASP A 248 -13.34 6.30 3.25
N LEU A 249 -14.15 6.24 2.21
CA LEU A 249 -14.37 4.98 1.48
C LEU A 249 -13.09 4.54 0.79
N CYS A 250 -12.38 5.50 0.25
CA CYS A 250 -11.12 5.24 -0.41
C CYS A 250 -10.15 4.69 0.61
N GLY A 251 -10.20 5.22 1.82
CA GLY A 251 -9.28 4.75 2.89
C GLY A 251 -9.50 3.27 3.25
N TYR A 252 -10.76 2.87 3.31
CA TYR A 252 -11.09 1.46 3.63
C TYR A 252 -10.64 0.51 2.53
N ARG A 253 -10.62 1.02 1.30
CA ARG A 253 -10.15 0.22 0.18
C ARG A 253 -8.61 0.14 0.19
N LEU A 254 -7.96 1.26 0.54
CA LEU A 254 -6.47 1.35 0.53
C LEU A 254 -5.87 0.47 1.62
N THR A 255 -6.57 0.40 2.74
CA THR A 255 -6.19 -0.45 3.87
C THR A 255 -7.23 -1.55 3.98
N THR A 256 -8.03 -1.48 5.03
CA THR A 256 -9.12 -2.42 5.18
C THR A 256 -10.33 -1.75 5.86
N PRO A 257 -11.52 -2.31 5.67
CA PRO A 257 -12.61 -1.77 6.45
C PRO A 257 -12.27 -1.88 7.94
N GLY A 258 -12.83 -0.98 8.73
CA GLY A 258 -12.59 -0.96 10.15
C GLY A 258 -11.41 -0.11 10.54
N ILE A 259 -10.42 -0.04 9.66
CA ILE A 259 -9.19 0.74 9.92
C ILE A 259 -9.15 2.03 9.10
N GLY A 260 -9.13 1.86 7.78
CA GLY A 260 -9.12 2.98 6.89
C GLY A 260 -7.85 3.81 6.92
N ARG A 261 -8.06 5.12 6.80
CA ARG A 261 -6.93 6.06 6.71
C ARG A 261 -6.23 6.34 7.99
N GLU A 262 -6.74 5.75 9.07
CA GLU A 262 -6.13 5.96 10.40
C GLU A 262 -4.79 5.22 10.56
N ALA A 263 -4.50 4.31 9.64
CA ALA A 263 -3.26 3.52 9.68
C ALA A 263 -2.43 3.57 8.42
N GLY A 264 -1.15 3.29 8.63
CA GLY A 264 -0.11 3.27 7.60
C GLY A 264 1.07 4.14 8.00
N ALA A 265 2.17 3.47 8.30
CA ALA A 265 3.45 4.11 8.68
C ALA A 265 3.97 4.99 7.54
N SER A 266 4.48 6.14 7.92
CA SER A 266 4.97 7.14 6.96
C SER A 266 6.43 6.89 6.66
N LEU A 267 7.04 6.14 7.57
CA LEU A 267 8.47 5.87 7.54
C LEU A 267 9.20 7.17 7.26
N TYR A 268 10.01 7.22 6.22
CA TYR A 268 10.81 8.43 5.96
C TYR A 268 10.36 9.32 4.85
N SER A 269 9.13 9.15 4.42
CA SER A 269 8.63 9.84 3.22
C SER A 269 8.03 11.23 3.39
N LEU A 270 7.79 11.67 4.62
CA LEU A 270 7.09 12.96 4.80
C LEU A 270 7.78 14.20 4.23
N LEU A 271 9.06 14.39 4.56
CA LEU A 271 9.75 15.61 4.16
C LEU A 271 9.72 15.86 2.66
N GLU A 272 10.05 14.83 1.89
CA GLU A 272 10.12 14.99 0.45
C GLU A 272 8.73 15.36 -0.12
N TYR A 274 6.26 17.01 1.49
CA TYR A 274 5.94 18.39 1.85
C TYR A 274 6.73 19.36 0.99
N GLN A 275 8.03 19.12 0.96
CA GLN A 275 8.94 20.02 0.21
C GLN A 275 8.62 20.01 -1.29
N GLY A 276 8.32 18.83 -1.81
CA GLY A 276 7.96 18.70 -3.18
C GLY A 276 6.66 19.44 -3.53
N PHE A 277 5.71 19.38 -2.61
CA PHE A 277 4.42 20.05 -2.83
C PHE A 277 4.62 21.56 -2.79
N PHE A 278 5.50 22.02 -1.90
CA PHE A 278 5.80 23.45 -1.79
C PHE A 278 6.45 23.98 -3.06
N LEU A 279 7.29 23.15 -3.64
CA LEU A 279 8.03 23.50 -4.86
C LEU A 279 7.22 23.23 -6.13
N ALA A 280 6.13 22.47 -5.99
CA ALA A 280 5.32 22.02 -7.15
C ALA A 280 4.81 23.10 -8.11
N PRO A 281 4.24 24.18 -7.59
CA PRO A 281 3.80 25.24 -8.50
C PRO A 281 4.93 25.80 -9.42
N HIS A 282 6.04 26.05 -8.79
CA HIS A 282 7.23 26.55 -9.51
C HIS A 282 7.84 25.52 -10.47
N VAL A 283 7.97 24.25 -10.06
CA VAL A 283 8.57 23.21 -10.95
C VAL A 283 7.66 22.95 -12.14
N THR A 284 6.36 22.96 -11.86
CA THR A 284 5.33 22.79 -12.89
C THR A 284 5.49 23.87 -13.96
N ALA A 285 5.77 25.08 -13.52
CA ALA A 285 5.96 26.22 -14.40
C ALA A 285 7.19 26.07 -15.32
N GLN A 286 8.21 25.36 -14.84
CA GLN A 286 9.41 25.13 -15.61
C GLN A 286 9.07 24.24 -16.78
N ALA A 287 8.27 23.21 -16.47
CA ALA A 287 7.85 22.20 -17.44
C ALA A 287 6.91 22.81 -18.51
N ILE A 288 6.06 23.75 -18.09
CA ILE A 288 5.13 24.45 -18.98
C ILE A 288 5.90 25.43 -19.90
N LYS A 289 6.80 26.18 -19.30
CA LYS A 289 7.64 27.10 -20.08
C LYS A 289 8.48 26.31 -21.08
N GLY A 290 8.94 25.14 -20.65
CA GLY A 290 9.70 24.30 -21.53
C GLY A 290 8.87 23.80 -22.72
N ALA A 291 7.65 23.41 -22.41
CA ALA A 291 6.72 22.92 -23.41
C ALA A 291 6.50 23.95 -24.51
N ARG A 292 6.39 25.20 -24.11
CA ARG A 292 6.07 26.29 -25.02
C ARG A 292 7.28 26.57 -25.90
N PHE A 293 8.47 26.47 -25.29
CA PHE A 293 9.74 26.65 -25.98
C PHE A 293 9.88 25.57 -27.06
N THR A 294 9.60 24.33 -26.67
CA THR A 294 9.69 23.18 -27.58
C THR A 294 8.73 23.37 -28.77
N ALA A 295 7.51 23.76 -28.47
CA ALA A 295 6.48 23.93 -29.49
C ALA A 295 6.86 24.99 -30.51
N ALA A 296 7.38 26.10 -30.00
CA ALA A 296 7.74 27.26 -30.83
C ALA A 296 9.01 27.01 -31.63
N LEU A 298 10.31 23.98 -32.51
CA LEU A 298 10.08 22.93 -33.53
C LEU A 298 9.29 23.45 -34.73
N ALA A 299 8.26 24.24 -34.45
CA ALA A 299 7.43 24.84 -35.49
C ALA A 299 8.32 25.71 -36.35
N GLU A 300 9.21 26.44 -35.69
CA GLU A 300 10.12 27.36 -36.38
C GLU A 300 11.01 26.56 -37.34
N PHE A 301 11.24 25.29 -37.00
CA PHE A 301 12.10 24.43 -37.80
C PHE A 301 11.27 23.57 -38.74
N GLY A 302 10.01 23.96 -38.89
CA GLY A 302 9.08 23.29 -39.81
C GLY A 302 8.55 21.94 -39.38
N VAL A 303 8.57 21.70 -38.08
CA VAL A 303 8.04 20.46 -37.50
C VAL A 303 6.70 20.77 -36.80
N GLU A 304 5.76 19.88 -37.01
CA GLU A 304 4.40 19.94 -36.49
C GLU A 304 4.41 19.81 -34.96
N ALA A 305 3.78 20.75 -34.26
CA ALA A 305 3.69 20.75 -32.78
C ALA A 305 2.26 20.74 -32.32
N ASP A 306 2.00 19.99 -31.27
CA ASP A 306 0.68 19.88 -30.67
C ASP A 306 0.79 19.56 -29.16
N PRO A 307 0.40 20.51 -28.30
CA PRO A 307 -0.15 21.81 -28.70
C PRO A 307 0.82 22.81 -29.34
N LEU A 308 0.19 23.80 -29.95
CA LEU A 308 0.89 24.95 -30.54
C LEU A 308 1.44 25.81 -29.43
N TRP A 309 2.50 26.55 -29.74
CA TRP A 309 3.18 27.40 -28.74
C TRP A 309 2.25 28.38 -28.06
N ASP A 310 1.25 28.84 -28.79
CA ASP A 310 0.32 29.86 -28.29
C ASP A 310 -1.01 29.30 -27.81
N ALA A 311 -1.09 27.98 -27.69
CA ALA A 311 -2.31 27.33 -27.18
C ALA A 311 -2.55 27.57 -25.68
N LYS A 312 -3.80 27.43 -25.29
CA LYS A 312 -4.16 27.45 -23.86
C LYS A 312 -3.54 26.17 -23.25
N ARG A 313 -3.04 26.28 -22.04
CA ARG A 313 -2.39 25.12 -21.41
C ARG A 313 -3.15 24.72 -20.17
N THR A 314 -3.33 23.42 -20.04
CA THR A 314 -3.97 22.86 -18.85
C THR A 314 -3.16 21.71 -18.26
N ASP A 315 -2.18 21.22 -19.02
CA ASP A 315 -1.34 20.15 -18.51
C ASP A 315 0.02 20.19 -19.13
N LEU A 316 0.84 19.23 -18.77
CA LEU A 316 2.23 19.22 -19.22
C LEU A 316 2.49 18.66 -20.62
N ILE A 317 1.49 17.99 -21.18
CA ILE A 317 1.67 17.23 -22.43
C ILE A 317 2.03 18.13 -23.60
N GLN A 318 3.09 17.72 -24.26
CA GLN A 318 3.62 18.35 -25.49
C GLN A 318 4.15 17.32 -26.46
N SER A 319 3.66 17.40 -27.69
CA SER A 319 4.14 16.54 -28.78
C SER A 319 4.64 17.31 -30.00
N VAL A 320 5.47 16.61 -30.73
CA VAL A 320 6.00 17.08 -32.02
C VAL A 320 5.99 15.90 -32.99
N SER A 321 5.48 16.13 -34.20
CA SER A 321 5.39 15.08 -35.25
C SER A 321 6.35 15.35 -36.37
N PHE A 322 7.29 14.44 -36.54
CA PHE A 322 8.38 14.63 -37.48
C PHE A 322 8.09 14.08 -38.88
N HIS A 323 7.15 13.16 -38.98
CA HIS A 323 6.78 12.51 -40.24
C HIS A 323 8.02 11.85 -40.80
N SER A 324 8.91 11.53 -39.88
CA SER A 324 10.18 10.86 -40.19
C SER A 324 10.66 10.01 -39.03
N LYS A 325 10.86 8.73 -39.34
CA LYS A 325 11.31 7.77 -38.34
C LYS A 325 12.67 8.16 -37.81
N ASP A 326 13.56 8.41 -38.75
CA ASP A 326 14.94 8.80 -38.43
C ASP A 326 15.02 10.03 -37.54
N LYS A 327 14.26 11.07 -37.87
CA LYS A 327 14.33 12.32 -37.12
C LYS A 327 13.74 12.13 -35.73
N ILE A 329 13.64 9.35 -34.01
CA ILE A 329 14.56 8.53 -33.21
C ILE A 329 15.75 9.35 -32.79
N ALA A 330 16.29 10.13 -33.74
CA ALA A 330 17.48 10.95 -33.47
C ALA A 330 17.20 11.99 -32.38
N PHE A 331 15.98 12.50 -32.39
CA PHE A 331 15.60 13.56 -31.45
C PHE A 331 15.45 12.98 -30.03
N ALA A 332 14.83 11.82 -29.95
CA ALA A 332 14.60 11.16 -28.67
C ALA A 332 15.96 10.77 -28.06
N GLN A 333 16.82 10.27 -28.91
CA GLN A 333 18.16 9.85 -28.47
C GLN A 333 18.92 11.04 -27.90
N ALA A 334 18.72 12.18 -28.53
CA ALA A 334 19.44 13.41 -28.17
C ALA A 334 18.93 13.94 -26.83
N ILE A 335 17.67 13.65 -26.54
CA ILE A 335 17.02 14.09 -25.30
C ILE A 335 17.64 13.24 -24.18
N GLN A 336 17.84 11.95 -24.43
CA GLN A 336 18.43 11.07 -23.41
C GLN A 336 19.85 11.53 -23.15
N ALA A 337 20.52 11.88 -24.23
CA ALA A 337 21.92 12.26 -24.17
C ALA A 337 22.10 13.58 -23.45
N ALA A 338 21.02 14.35 -23.32
CA ALA A 338 21.02 15.70 -22.68
C ALA A 338 20.26 15.63 -21.33
N SER A 339 20.19 14.42 -20.80
CA SER A 339 19.53 14.11 -19.54
C SER A 339 20.60 13.88 -18.48
N PRO A 340 20.26 14.09 -17.20
CA PRO A 340 21.31 13.94 -16.19
C PRO A 340 21.75 12.53 -15.82
N VAL A 341 20.79 11.62 -15.92
CA VAL A 341 20.96 10.24 -15.49
C VAL A 341 20.86 9.29 -16.67
N ASN A 342 21.88 8.45 -16.80
CA ASN A 342 21.97 7.43 -17.83
C ASN A 342 21.99 8.02 -19.25
N ALA A 343 22.61 9.19 -19.36
CA ALA A 343 22.72 9.94 -20.64
C ALA A 343 23.35 9.10 -21.72
N HIS A 344 24.23 8.21 -21.29
CA HIS A 344 25.05 7.36 -22.16
C HIS A 344 24.32 6.11 -22.61
N VAL A 345 23.12 5.92 -22.10
CA VAL A 345 22.34 4.73 -22.43
C VAL A 345 21.35 5.09 -23.53
N LEU A 346 21.80 4.79 -24.73
CA LEU A 346 21.11 5.08 -26.01
C LEU A 346 19.71 4.47 -26.11
N PRO A 347 18.68 5.32 -26.21
CA PRO A 347 17.38 4.70 -26.44
C PRO A 347 17.26 4.09 -27.86
N ILE A 348 16.58 2.97 -27.91
CA ILE A 348 16.36 2.29 -29.19
C ILE A 348 14.94 1.72 -29.23
N GLY A 349 14.46 1.49 -30.45
CA GLY A 349 13.14 0.91 -30.66
C GLY A 349 12.96 -0.28 -29.73
N ALA A 350 11.87 -0.30 -28.98
CA ALA A 350 11.62 -1.37 -28.02
C ALA A 350 10.20 -1.91 -28.01
N TYR A 351 10.13 -3.21 -27.74
CA TYR A 351 8.84 -3.91 -27.60
C TYR A 351 8.11 -3.47 -26.37
N PRO A 353 4.56 -4.50 -24.26
CA PRO A 353 3.39 -5.37 -24.12
C PRO A 353 2.10 -4.70 -24.56
N GLY A 354 1.38 -5.42 -25.42
CA GLY A 354 0.09 -4.96 -25.94
C GLY A 354 0.24 -3.87 -26.98
N TYR A 355 1.42 -3.82 -27.58
CA TYR A 355 1.68 -2.85 -28.65
C TYR A 355 2.39 -3.47 -29.82
N GLU A 356 1.74 -3.32 -30.98
CA GLU A 356 2.23 -3.93 -32.22
C GLU A 356 3.50 -3.24 -32.67
N ASP A 357 3.53 -1.95 -32.36
CA ASP A 357 4.65 -1.08 -32.74
C ASP A 357 5.65 -0.92 -31.64
N ASP A 358 6.89 -0.81 -32.09
CA ASP A 358 8.02 -0.51 -31.21
C ASP A 358 7.82 0.90 -30.68
N VAL A 359 8.31 1.12 -29.47
CA VAL A 359 8.28 2.43 -28.85
C VAL A 359 9.70 2.87 -28.59
N ILE A 360 9.89 4.17 -28.52
CA ILE A 360 11.21 4.72 -28.16
C ILE A 360 10.99 5.64 -26.98
N ALA A 362 13.09 8.12 -23.90
CA ALA A 362 14.14 8.85 -23.17
C ALA A 362 13.63 9.00 -21.75
N ALA A 363 14.38 8.46 -20.80
CA ALA A 363 13.94 8.49 -19.42
C ALA A 363 15.13 8.59 -18.44
N GLY A 364 15.98 9.57 -18.73
CA GLY A 364 17.20 9.80 -17.94
C GLY A 364 16.93 10.67 -16.74
N THR A 365 16.28 10.04 -15.77
CA THR A 365 15.74 10.74 -14.58
C THR A 365 16.27 10.28 -13.23
N PHE A 366 16.15 11.17 -12.26
CA PHE A 366 16.54 10.86 -10.89
C PHE A 366 15.65 9.81 -10.26
N ILE A 367 14.35 9.93 -10.52
CA ILE A 367 13.38 9.01 -9.94
C ILE A 367 12.86 8.14 -11.10
N GLN A 368 12.79 6.84 -10.84
CA GLN A 368 12.39 5.87 -11.86
C GLN A 368 10.98 6.10 -12.36
N GLY A 369 10.87 6.44 -13.63
CA GLY A 369 9.58 6.68 -14.27
C GLY A 369 8.91 8.01 -13.98
N ALA A 370 9.56 8.86 -13.21
CA ALA A 370 9.03 10.21 -12.87
C ALA A 370 8.94 11.02 -14.19
N SER A 371 7.90 11.85 -14.25
CA SER A 371 7.48 12.59 -15.46
C SER A 371 7.40 14.10 -15.33
N LEU A 372 7.60 14.66 -14.15
CA LEU A 372 7.74 16.11 -14.01
C LEU A 372 9.16 16.43 -14.52
N GLU A 373 10.05 15.45 -14.45
CA GLU A 373 11.38 15.51 -15.03
C GLU A 373 11.27 15.37 -16.54
N LEU A 374 12.25 15.92 -17.23
CA LEU A 374 12.30 15.82 -18.70
C LEU A 374 12.44 14.41 -19.23
N THR A 375 11.48 14.06 -20.05
CA THR A 375 11.46 12.79 -20.77
C THR A 375 10.92 12.96 -22.21
N ALA A 376 11.10 11.92 -22.99
CA ALA A 376 10.58 11.84 -24.36
C ALA A 376 10.21 10.41 -24.72
N ASP A 377 9.08 10.24 -25.37
CA ASP A 377 8.62 8.91 -25.78
C ASP A 377 7.53 8.98 -26.85
N GLY A 378 7.47 7.90 -27.60
CA GLY A 378 6.48 7.73 -28.64
C GLY A 378 6.56 6.42 -29.40
N PRO A 379 5.42 5.96 -29.94
CA PRO A 379 5.43 4.75 -30.77
C PRO A 379 6.04 5.06 -32.10
N ILE A 380 6.85 4.13 -32.57
CA ILE A 380 7.57 4.25 -33.83
C ILE A 380 6.65 3.84 -35.01
N ARG A 381 5.94 4.84 -35.50
CA ARG A 381 4.98 4.75 -36.62
C ARG A 381 4.49 6.11 -37.04
N GLU A 382 4.03 6.20 -38.27
CA GLU A 382 3.48 7.46 -38.82
C GLU A 382 2.51 8.06 -37.83
N PRO A 383 2.51 9.39 -37.69
CA PRO A 383 3.30 10.43 -38.34
C PRO A 383 4.57 10.78 -37.57
N TYR A 384 5.01 9.77 -36.85
CA TYR A 384 6.22 9.83 -36.01
C TYR A 384 6.16 10.95 -34.99
N GLN A 385 5.15 10.80 -34.14
CA GLN A 385 4.86 11.71 -33.05
C GLN A 385 5.63 11.35 -31.78
N LEU A 386 6.35 12.33 -31.28
CA LEU A 386 7.11 12.19 -30.04
C LEU A 386 6.62 13.16 -29.00
N TYR A 387 6.41 12.64 -27.82
CA TYR A 387 6.03 13.47 -26.68
C TYR A 387 7.33 13.87 -26.01
N VAL A 388 7.54 15.18 -25.89
CA VAL A 388 8.73 15.77 -25.28
C VAL A 388 8.22 16.74 -24.24
N GLN A 389 8.35 16.32 -22.98
CA GLN A 389 7.74 17.05 -21.88
C GLN A 389 8.39 16.82 -20.52
N GLY A 390 7.92 17.62 -19.58
CA GLY A 390 8.50 17.73 -18.25
C GLY A 390 9.73 18.62 -18.31
N GLY A 391 10.43 18.68 -17.19
CA GLY A 391 11.65 19.50 -17.03
C GLY A 391 11.70 20.13 -15.67
N LEU A 392 12.68 19.73 -14.86
CA LEU A 392 12.77 20.25 -13.47
C LEU A 392 13.16 21.73 -13.45
N THR A 393 13.80 22.12 -14.53
CA THR A 393 14.20 23.51 -14.75
C THR A 393 13.98 23.90 -16.22
N TYR A 394 13.55 25.13 -16.43
CA TYR A 394 13.38 25.65 -17.80
C TYR A 394 14.71 25.60 -18.56
N GLU A 395 15.79 25.84 -17.83
CA GLU A 395 17.15 25.81 -18.41
C GLU A 395 17.42 24.46 -19.01
N HIS A 396 17.07 23.40 -18.28
CA HIS A 396 17.33 22.00 -18.74
C HIS A 396 16.63 21.71 -20.07
N VAL A 397 15.39 22.14 -20.18
CA VAL A 397 14.60 21.92 -21.39
C VAL A 397 15.22 22.68 -22.59
N LYS A 398 15.58 23.93 -22.37
CA LYS A 398 16.16 24.75 -23.44
C LYS A 398 17.43 24.12 -23.94
N ILE A 399 18.26 23.69 -23.01
CA ILE A 399 19.53 23.06 -23.38
C ILE A 399 19.28 21.78 -24.15
N ALA A 400 18.44 20.92 -23.61
CA ALA A 400 18.19 19.59 -24.20
C ALA A 400 17.57 19.68 -25.57
N VAL A 401 16.57 20.54 -25.65
CA VAL A 401 15.80 20.69 -26.87
C VAL A 401 16.63 21.34 -27.99
N THR A 402 17.42 22.34 -27.65
CA THR A 402 18.28 23.01 -28.65
C THR A 402 19.26 21.97 -29.22
N ARG A 403 19.87 21.20 -28.32
CA ARG A 403 20.79 20.13 -28.72
C ARG A 403 20.08 19.03 -29.53
N ALA A 404 18.85 18.74 -29.17
CA ALA A 404 18.08 17.69 -29.88
C ALA A 404 17.81 18.14 -31.32
N ILE A 405 17.48 19.43 -31.44
CA ILE A 405 17.25 20.05 -32.74
C ILE A 405 18.53 20.01 -33.55
N GLU A 406 19.63 20.39 -32.90
CA GLU A 406 20.96 20.44 -33.55
C GLU A 406 21.40 19.07 -34.01
N ASN A 407 20.89 18.05 -33.34
CA ASN A 407 21.28 16.63 -33.61
C ASN A 407 20.39 15.87 -34.59
N SER A 408 19.25 16.41 -34.94
CA SER A 408 18.31 15.64 -35.72
C SER A 408 17.75 16.33 -36.94
N LEU A 409 17.75 17.65 -36.92
CA LEU A 409 17.12 18.41 -37.98
C LEU A 409 18.16 19.08 -38.90
N THR B 3 20.25 -15.13 46.81
CA THR B 3 19.03 -14.41 47.27
C THR B 3 17.77 -15.25 47.26
N GLU B 4 16.68 -14.54 47.51
CA GLU B 4 15.35 -15.15 47.63
C GLU B 4 14.86 -15.66 46.30
N ILE B 5 14.56 -14.68 45.48
CA ILE B 5 14.00 -14.91 44.16
C ILE B 5 14.97 -15.64 43.28
N GLN B 6 16.26 -15.50 43.61
CA GLN B 6 17.32 -16.10 42.83
C GLN B 6 17.33 -17.59 43.05
N THR B 7 16.86 -17.98 44.23
CA THR B 7 16.82 -19.39 44.63
C THR B 7 15.73 -20.07 43.85
N ILE B 8 14.62 -19.37 43.80
CA ILE B 8 13.44 -19.84 43.08
C ILE B 8 13.77 -19.99 41.59
N ARG B 9 14.58 -19.07 41.10
CA ARG B 9 14.98 -19.08 39.69
C ARG B 9 15.89 -20.26 39.39
N LYS B 10 16.79 -20.55 40.31
CA LYS B 10 17.76 -21.62 40.07
C LYS B 10 16.97 -22.91 39.90
N LYS B 11 15.95 -23.02 40.73
CA LYS B 11 15.05 -24.19 40.75
C LYS B 11 14.23 -24.34 39.48
N VAL B 12 13.50 -23.27 39.18
CA VAL B 12 12.62 -23.23 38.00
C VAL B 12 13.39 -23.32 36.68
N GLU B 13 14.54 -22.69 36.63
CA GLU B 13 15.37 -22.73 35.42
C GLU B 13 15.91 -24.14 35.14
N GLN B 14 16.23 -24.86 36.20
CA GLN B 14 16.71 -26.24 36.04
C GLN B 14 15.56 -27.11 35.49
N GLN B 15 14.38 -26.83 36.03
CA GLN B 15 13.15 -27.56 35.71
C GLN B 15 12.76 -27.44 34.24
N ILE B 16 12.95 -26.26 33.69
CA ILE B 16 12.49 -25.95 32.31
C ILE B 16 13.59 -26.15 31.27
N THR B 17 14.76 -26.53 31.75
CA THR B 17 15.94 -26.58 30.88
C THR B 17 15.81 -27.51 29.68
N SER B 18 15.14 -28.61 29.91
CA SER B 18 15.02 -29.62 28.88
C SER B 18 14.19 -29.12 27.72
N LEU B 19 13.09 -28.45 28.04
CA LEU B 19 12.19 -27.89 27.03
C LEU B 19 12.85 -26.70 26.28
N GLN B 20 13.58 -25.90 27.04
CA GLN B 20 14.29 -24.74 26.49
C GLN B 20 15.28 -25.24 25.45
N ASN B 21 15.97 -26.35 25.77
CA ASN B 21 16.95 -26.97 24.86
C ASN B 21 16.31 -27.43 23.55
N GLU B 22 15.08 -27.91 23.70
CA GLU B 22 14.26 -28.33 22.57
C GLU B 22 13.91 -27.16 21.64
N THR B 23 13.63 -26.03 22.28
CA THR B 23 13.34 -24.77 21.58
C THR B 23 14.58 -24.35 20.77
N ASP B 24 15.75 -24.60 21.33
CA ASP B 24 17.02 -24.28 20.68
C ASP B 24 17.31 -25.20 19.50
N GLU B 25 16.87 -26.44 19.61
CA GLU B 25 17.02 -27.40 18.52
CA GLU B 25 17.02 -27.40 18.51
C GLU B 25 16.14 -26.94 17.36
N ILE B 26 14.92 -26.52 17.68
CA ILE B 26 14.01 -26.03 16.68
C ILE B 26 14.60 -24.78 16.04
N ALA B 27 15.18 -23.91 16.87
CA ALA B 27 15.77 -22.68 16.35
C ALA B 27 16.91 -22.95 15.39
N GLU B 28 17.72 -23.95 15.68
CA GLU B 28 18.86 -24.24 14.79
C GLU B 28 18.36 -24.79 13.45
N PHE B 29 17.34 -25.64 13.54
CA PHE B 29 16.73 -26.21 12.33
C PHE B 29 16.17 -25.10 11.43
N ASN B 30 15.48 -24.16 12.06
CA ASN B 30 14.82 -23.03 11.38
C ASN B 30 15.84 -22.01 10.85
N GLN B 31 16.90 -21.83 11.61
CA GLN B 31 17.98 -20.96 11.16
C GLN B 31 18.58 -21.53 9.87
N ALA B 32 18.79 -22.85 9.85
CA ALA B 32 19.36 -23.53 8.67
C ALA B 32 18.41 -23.38 7.49
N LYS B 33 17.12 -23.48 7.80
CA LYS B 33 16.07 -23.40 6.79
C LYS B 33 16.06 -22.02 6.10
N VAL B 34 16.20 -20.96 6.90
CA VAL B 34 16.20 -19.59 6.37
C VAL B 34 17.51 -19.33 5.62
N LEU B 35 18.61 -19.87 6.13
CA LEU B 35 19.90 -19.72 5.49
C LEU B 35 19.85 -20.39 4.13
N ASP B 36 19.25 -21.56 4.10
CA ASP B 36 19.15 -22.31 2.85
C ASP B 36 18.32 -21.55 1.83
N ALA B 37 17.33 -20.82 2.33
CA ALA B 37 16.44 -20.01 1.47
C ALA B 37 17.18 -18.78 0.88
N PHE B 38 18.03 -18.16 1.69
CA PHE B 38 18.86 -17.04 1.21
C PHE B 38 19.77 -17.51 0.10
N GLN B 39 20.32 -18.69 0.34
CA GLN B 39 21.30 -19.30 -0.54
C GLN B 39 20.71 -19.78 -1.86
N GLU B 40 19.53 -20.39 -1.82
CA GLU B 40 18.95 -20.90 -3.07
C GLU B 40 18.47 -19.77 -3.98
N ASN B 41 18.34 -18.59 -3.39
CA ASN B 41 17.88 -17.35 -4.07
C ASN B 41 19.04 -16.39 -4.36
N LYS B 42 20.22 -16.88 -4.02
CA LYS B 42 21.50 -16.20 -4.31
C LYS B 42 21.54 -14.74 -3.82
N VAL B 43 21.12 -14.58 -2.57
CA VAL B 43 21.06 -13.24 -1.94
C VAL B 43 22.46 -12.62 -1.87
N SER B 44 22.49 -11.38 -2.34
CA SER B 44 23.67 -10.52 -2.41
C SER B 44 23.42 -9.15 -1.82
N ASP B 45 24.49 -8.41 -1.60
CA ASP B 45 24.35 -7.10 -0.93
C ASP B 45 23.60 -6.08 -1.79
N PHE B 46 23.63 -6.25 -3.12
CA PHE B 46 22.89 -5.34 -4.01
C PHE B 46 21.37 -5.51 -3.89
N HIS B 47 20.96 -6.62 -3.27
CA HIS B 47 19.51 -6.92 -3.06
C HIS B 47 18.88 -6.07 -1.97
N PHE B 48 19.73 -5.27 -1.32
CA PHE B 48 19.26 -4.34 -0.28
C PHE B 48 19.06 -2.91 -0.84
N ASN B 49 19.44 -2.71 -2.10
CA ASN B 49 19.32 -1.41 -2.75
C ASN B 49 17.88 -0.96 -2.90
N PRO B 50 17.63 0.32 -2.65
CA PRO B 50 16.32 0.91 -2.83
C PRO B 50 15.93 1.09 -4.27
N SER B 51 14.63 1.00 -4.49
CA SER B 51 14.04 1.35 -5.75
C SER B 51 13.10 2.53 -5.47
N THR B 52 12.93 3.34 -6.50
CA THR B 52 12.04 4.50 -6.45
C THR B 52 10.99 4.44 -7.56
N GLY B 53 10.18 5.47 -7.61
CA GLY B 53 9.12 5.57 -8.59
C GLY B 53 8.23 4.35 -8.60
N TYR B 54 8.05 3.83 -9.79
CA TYR B 54 7.19 2.67 -10.03
C TYR B 54 7.68 1.44 -9.33
N GLY B 55 8.98 1.33 -9.16
CA GLY B 55 9.55 0.10 -8.56
C GLY B 55 9.53 -1.12 -9.49
N TYR B 56 9.49 -0.86 -10.79
CA TYR B 56 9.51 -1.93 -11.79
C TYR B 56 10.86 -2.63 -11.81
N ASP B 57 10.80 -3.94 -11.81
CA ASP B 57 12.03 -4.74 -11.93
C ASP B 57 12.94 -4.55 -10.75
N ASP B 58 12.32 -4.43 -9.59
CA ASP B 58 13.06 -4.33 -8.35
C ASP B 58 13.45 -5.76 -7.94
N GLU B 59 14.70 -6.12 -8.23
CA GLU B 59 15.21 -7.45 -7.92
C GLU B 59 15.39 -7.69 -6.44
N GLY B 60 15.62 -6.63 -5.69
CA GLY B 60 15.79 -6.72 -4.23
C GLY B 60 14.49 -7.15 -3.58
N ARG B 61 13.43 -6.48 -4.01
CA ARG B 61 12.07 -6.75 -3.54
C ARG B 61 11.63 -8.15 -3.95
N ASP B 62 11.91 -8.47 -5.20
CA ASP B 62 11.51 -9.75 -5.75
C ASP B 62 12.26 -10.92 -5.12
N THR B 63 13.54 -10.70 -4.86
CA THR B 63 14.36 -11.75 -4.29
C THR B 63 13.87 -12.05 -2.87
N LEU B 64 13.55 -10.99 -2.14
CA LEU B 64 13.07 -11.18 -0.75
C LEU B 64 11.80 -12.05 -0.72
N GLU B 65 10.93 -11.78 -1.66
CA GLU B 65 9.64 -12.51 -1.77
C GLU B 65 9.93 -13.97 -2.15
N ARG B 66 10.94 -14.17 -2.97
CA ARG B 66 11.34 -15.53 -3.33
C ARG B 66 11.94 -16.27 -2.10
N VAL B 67 12.64 -15.52 -1.25
CA VAL B 67 13.24 -16.10 -0.02
C VAL B 67 12.11 -16.53 0.91
N TYR B 68 11.09 -15.67 1.02
CA TYR B 68 9.92 -15.99 1.86
C TYR B 68 9.25 -17.26 1.35
N ALA B 69 9.03 -17.32 0.05
CA ALA B 69 8.35 -18.47 -0.60
C ALA B 69 9.14 -19.78 -0.38
N SER B 70 10.47 -19.66 -0.46
CA SER B 70 11.35 -20.82 -0.26
C SER B 70 11.23 -21.36 1.17
N VAL B 71 11.23 -20.45 2.13
CA VAL B 71 11.14 -20.85 3.53
C VAL B 71 9.79 -21.52 3.84
N PHE B 72 8.71 -20.93 3.33
CA PHE B 72 7.36 -21.46 3.59
C PHE B 72 6.96 -22.62 2.69
N LYS B 73 7.85 -22.93 1.77
CA LYS B 73 7.66 -24.00 0.81
C LYS B 73 6.49 -23.75 -0.12
N THR B 74 6.39 -22.53 -0.57
CA THR B 74 5.37 -22.13 -1.49
C THR B 74 5.99 -21.70 -2.81
N GLU B 75 5.12 -21.58 -3.79
CA GLU B 75 5.51 -21.12 -5.11
C GLU B 75 5.83 -19.64 -5.16
N ALA B 76 5.05 -18.88 -4.41
CA ALA B 76 5.16 -17.43 -4.41
C ALA B 76 4.86 -16.80 -3.06
N ALA B 77 5.30 -15.56 -2.92
CA ALA B 77 4.99 -14.74 -1.74
C ALA B 77 4.93 -13.29 -2.14
N LEU B 78 4.34 -12.55 -1.23
CA LEU B 78 4.15 -11.11 -1.30
C LEU B 78 4.53 -10.58 0.09
N VAL B 79 5.59 -9.78 0.13
CA VAL B 79 6.13 -9.22 1.37
C VAL B 79 6.78 -7.92 1.01
N ARG B 80 6.03 -6.88 1.35
CA ARG B 80 6.32 -5.50 1.01
C ARG B 80 5.80 -4.54 2.07
N PRO B 81 6.36 -3.34 2.07
CA PRO B 81 5.80 -2.37 3.02
C PRO B 81 4.44 -1.86 2.50
N GLN B 82 4.15 -2.08 1.23
CA GLN B 82 2.83 -1.72 0.64
C GLN B 82 1.69 -2.54 1.31
N ILE B 83 2.07 -3.62 2.02
CA ILE B 83 1.12 -4.41 2.85
C ILE B 83 1.45 -3.83 4.19
N ILE B 84 0.51 -3.14 4.81
CA ILE B 84 0.85 -2.33 5.98
C ILE B 84 0.75 -3.02 7.29
N SER B 85 0.23 -4.22 7.24
CA SER B 85 0.03 -4.98 8.46
C SER B 85 -0.48 -6.38 8.21
N GLY B 86 -0.66 -7.09 9.31
CA GLY B 86 -1.15 -8.46 9.29
C GLY B 86 -2.61 -8.45 8.86
N THR B 87 -3.37 -7.55 9.46
CA THR B 87 -4.78 -7.39 9.11
C THR B 87 -4.93 -7.07 7.62
N HIS B 88 -4.05 -6.22 7.12
CA HIS B 88 -4.06 -5.81 5.72
C HIS B 88 -3.71 -6.98 4.79
N ALA B 89 -2.83 -7.83 5.28
CA ALA B 89 -2.36 -9.00 4.54
C ALA B 89 -3.52 -9.96 4.43
N ILE B 90 -4.18 -10.18 5.54
CA ILE B 90 -5.31 -11.09 5.58
C ILE B 90 -6.44 -10.62 4.64
N SER B 91 -6.78 -9.35 4.74
CA SER B 91 -7.86 -8.76 3.93
C SER B 91 -7.50 -8.84 2.45
N THR B 92 -6.22 -8.69 2.15
CA THR B 92 -5.75 -8.77 0.76
C THR B 92 -5.99 -10.20 0.19
N VAL B 93 -5.85 -11.20 1.06
CA VAL B 93 -6.06 -12.61 0.66
C VAL B 93 -7.54 -12.81 0.36
N LEU B 94 -8.37 -12.31 1.26
CA LEU B 94 -9.82 -12.48 1.16
C LEU B 94 -10.42 -11.81 -0.09
N PHE B 95 -10.13 -10.52 -0.26
CA PHE B 95 -10.68 -9.75 -1.40
C PHE B 95 -9.96 -10.13 -2.69
N GLY B 96 -8.73 -10.60 -2.56
CA GLY B 96 -7.95 -10.99 -3.73
C GLY B 96 -8.54 -12.21 -4.44
N ILE B 97 -8.99 -13.15 -3.63
CA ILE B 97 -9.48 -14.45 -4.12
C ILE B 97 -11.00 -14.56 -4.30
N LEU B 98 -11.70 -14.03 -3.31
CA LEU B 98 -13.16 -14.10 -3.24
C LEU B 98 -13.84 -13.14 -4.22
N ARG B 99 -14.94 -13.62 -4.77
CA ARG B 99 -15.75 -12.88 -5.74
C ARG B 99 -17.24 -13.02 -5.41
N PRO B 100 -18.06 -12.11 -5.93
CA PRO B 100 -19.50 -12.18 -5.61
C PRO B 100 -20.10 -13.56 -5.81
N GLY B 101 -20.91 -13.96 -4.83
CA GLY B 101 -21.49 -15.29 -4.83
C GLY B 101 -20.69 -16.28 -4.00
N ASP B 102 -19.40 -16.00 -3.81
CA ASP B 102 -18.54 -16.89 -3.02
C ASP B 102 -18.84 -16.79 -1.55
N GLU B 103 -18.43 -17.83 -0.83
CA GLU B 103 -18.56 -17.86 0.62
C GLU B 103 -17.27 -18.30 1.31
N LEU B 104 -16.96 -17.57 2.36
CA LEU B 104 -15.84 -17.84 3.25
C LEU B 104 -16.35 -18.52 4.53
N LEU B 105 -15.76 -19.67 4.88
CA LEU B 105 -16.11 -20.32 6.13
C LEU B 105 -14.90 -20.43 7.07
N TYR B 106 -15.00 -19.76 8.21
CA TYR B 106 -14.01 -19.87 9.28
C TYR B 106 -14.43 -21.04 10.16
N ILE B 107 -13.51 -21.97 10.39
CA ILE B 107 -13.82 -23.21 11.14
C ILE B 107 -13.16 -23.25 12.53
N THR B 108 -12.26 -22.31 12.80
CA THR B 108 -11.51 -22.24 14.09
C THR B 108 -12.24 -21.34 15.12
N GLY B 109 -13.54 -21.22 14.89
CA GLY B 109 -14.42 -20.37 15.70
C GLY B 109 -14.34 -18.96 15.13
N GLU B 110 -14.96 -18.01 15.82
CA GLU B 110 -14.92 -16.62 15.38
C GLU B 110 -13.50 -16.08 15.43
N PRO B 111 -13.04 -15.45 14.34
CA PRO B 111 -11.66 -14.98 14.42
C PRO B 111 -11.52 -13.65 15.13
N TYR B 112 -10.29 -13.18 15.20
CA TYR B 112 -10.01 -11.94 15.91
C TYR B 112 -10.91 -10.79 15.44
N ASP B 113 -11.28 -9.96 16.41
CA ASP B 113 -12.25 -8.84 16.26
C ASP B 113 -12.07 -7.89 15.09
N THR B 114 -10.84 -7.69 14.69
CA THR B 114 -10.59 -6.74 13.60
C THR B 114 -11.21 -7.19 12.29
N LEU B 115 -11.31 -8.49 12.14
CA LEU B 115 -11.86 -9.02 10.90
C LEU B 115 -13.34 -8.79 10.81
N GLU B 116 -13.92 -8.33 11.91
CA GLU B 116 -15.37 -8.10 11.98
C GLU B 116 -15.89 -7.18 10.91
N GLU B 117 -15.23 -6.04 10.72
CA GLU B 117 -15.68 -5.10 9.69
C GLU B 117 -15.29 -5.60 8.32
N ILE B 118 -14.19 -6.33 8.27
CA ILE B 118 -13.70 -6.85 7.00
C ILE B 118 -14.71 -7.80 6.35
N VAL B 119 -15.24 -8.73 7.14
CA VAL B 119 -16.22 -9.72 6.61
C VAL B 119 -17.61 -9.12 6.55
N GLY B 120 -17.80 -8.04 7.30
CA GLY B 120 -19.06 -7.29 7.24
C GLY B 120 -20.09 -7.56 8.30
N ILE B 121 -19.71 -8.34 9.31
CA ILE B 121 -20.64 -8.64 10.38
C ILE B 121 -20.57 -7.57 11.44
N ARG B 122 -19.89 -6.46 11.15
CA ARG B 122 -19.83 -5.40 12.17
C ARG B 122 -20.29 -4.03 11.73
N SER B 123 -20.08 -3.69 10.48
CA SER B 123 -20.51 -2.35 10.03
C SER B 123 -21.17 -2.39 8.68
N GLU B 124 -21.25 -1.20 8.09
CA GLU B 124 -21.90 -1.03 6.79
C GLU B 124 -21.40 0.11 5.93
N GLY B 125 -21.36 -0.19 4.64
CA GLY B 125 -20.96 0.75 3.58
C GLY B 125 -19.47 0.89 3.34
N GLN B 126 -18.69 0.28 4.24
CA GLN B 126 -17.23 0.38 4.23
C GLN B 126 -16.53 -0.43 3.15
N GLY B 127 -17.27 -1.33 2.52
CA GLY B 127 -16.66 -2.17 1.48
C GLY B 127 -16.19 -3.52 2.00
N SER B 128 -16.98 -4.04 2.93
CA SER B 128 -16.73 -5.37 3.50
C SER B 128 -17.01 -6.44 2.46
N LEU B 129 -16.76 -7.69 2.84
CA LEU B 129 -17.03 -8.82 1.92
C LEU B 129 -18.52 -8.85 1.58
N LYS B 130 -19.30 -8.53 2.60
CA LYS B 130 -20.72 -8.53 2.49
C LYS B 130 -21.18 -7.49 1.48
N ASP B 131 -20.58 -6.31 1.53
CA ASP B 131 -20.88 -5.21 0.60
C ASP B 131 -20.63 -5.63 -0.86
N PHE B 132 -19.69 -6.56 -1.05
CA PHE B 132 -19.31 -7.09 -2.35
C PHE B 132 -19.91 -8.47 -2.66
N GLN B 133 -21.04 -8.71 -1.99
CA GLN B 133 -21.81 -9.94 -2.20
CA GLN B 133 -21.83 -9.93 -2.14
C GLN B 133 -21.06 -11.23 -1.91
N ILE B 134 -20.10 -11.16 -0.99
CA ILE B 134 -19.34 -12.33 -0.59
C ILE B 134 -19.84 -12.71 0.79
N GLY B 135 -20.20 -14.00 0.93
CA GLY B 135 -20.71 -14.56 2.19
C GLY B 135 -19.65 -15.00 3.17
N TYR B 136 -20.03 -14.92 4.44
CA TYR B 136 -19.18 -15.31 5.58
C TYR B 136 -19.94 -15.96 6.72
N ASP B 137 -19.30 -16.96 7.28
CA ASP B 137 -19.80 -17.59 8.47
C ASP B 137 -18.60 -18.18 9.19
N ALA B 138 -18.84 -18.58 10.42
CA ALA B 138 -17.83 -19.19 11.29
C ALA B 138 -18.43 -20.34 12.09
N VAL B 139 -17.67 -21.42 12.23
CA VAL B 139 -18.08 -22.60 13.01
C VAL B 139 -17.48 -22.52 14.43
N PRO B 140 -18.34 -22.47 15.46
CA PRO B 140 -17.76 -22.43 16.78
C PRO B 140 -17.01 -23.69 17.12
N LEU B 141 -16.03 -23.55 18.00
CA LEU B 141 -15.24 -24.71 18.50
C LEU B 141 -16.08 -25.54 19.46
N LEU B 142 -15.64 -26.78 19.68
CA LEU B 142 -16.27 -27.62 20.70
C LEU B 142 -15.90 -27.00 22.05
N PRO B 143 -16.62 -27.34 23.13
CA PRO B 143 -16.27 -26.72 24.41
C PRO B 143 -14.82 -26.95 24.81
N ASN B 144 -14.24 -28.04 24.32
CA ASN B 144 -12.85 -28.41 24.66
C ASN B 144 -11.80 -27.69 23.80
N GLY B 145 -12.28 -26.83 22.91
CA GLY B 145 -11.42 -26.03 22.05
C GLY B 145 -11.03 -26.68 20.75
N GLU B 146 -11.53 -27.88 20.54
CA GLU B 146 -11.27 -28.61 19.27
C GLU B 146 -12.28 -28.21 18.19
N ILE B 147 -11.93 -28.51 16.95
CA ILE B 147 -12.82 -28.24 15.81
C ILE B 147 -14.03 -29.16 15.91
N ASP B 148 -15.20 -28.57 15.69
CA ASP B 148 -16.47 -29.28 15.65
C ASP B 148 -16.70 -29.76 14.22
N TYR B 149 -16.10 -30.90 13.91
CA TYR B 149 -16.12 -31.44 12.54
C TYR B 149 -17.48 -31.72 11.93
N PRO B 150 -18.43 -32.27 12.72
CA PRO B 150 -19.77 -32.47 12.17
C PRO B 150 -20.44 -31.15 11.79
N ALA B 151 -20.14 -30.12 12.56
CA ALA B 151 -20.71 -28.78 12.32
C ALA B 151 -20.11 -28.18 11.05
N VAL B 152 -18.82 -28.46 10.82
CA VAL B 152 -18.10 -27.93 9.66
C VAL B 152 -18.65 -28.60 8.41
N SER B 153 -18.83 -29.90 8.54
CA SER B 153 -19.33 -30.72 7.46
C SER B 153 -20.71 -30.19 7.01
N LYS B 154 -21.52 -29.86 8.00
CA LYS B 154 -22.87 -29.37 7.74
C LYS B 154 -22.84 -28.03 7.03
N LYS B 155 -21.82 -27.24 7.35
CA LYS B 155 -21.70 -25.89 6.80
C LYS B 155 -21.11 -25.78 5.42
N ILE B 156 -20.31 -26.75 5.02
CA ILE B 156 -19.65 -26.67 3.72
C ILE B 156 -20.63 -26.96 2.61
N SER B 157 -20.80 -25.98 1.73
CA SER B 157 -21.68 -26.12 0.58
C SER B 157 -20.90 -25.93 -0.70
N ALA B 158 -21.64 -25.94 -1.80
CA ALA B 158 -21.04 -25.83 -3.11
C ALA B 158 -20.47 -24.42 -3.29
N ASN B 159 -20.98 -23.50 -2.49
CA ASN B 159 -20.63 -22.07 -2.60
C ASN B 159 -19.44 -21.72 -1.74
N THR B 160 -19.02 -22.68 -0.92
CA THR B 160 -17.86 -22.51 -0.05
C THR B 160 -16.56 -22.56 -0.87
N LYS B 161 -16.01 -21.37 -1.08
CA LYS B 161 -14.82 -21.19 -1.92
C LYS B 161 -13.53 -21.33 -1.12
N ILE B 163 -11.95 -21.84 3.10
CA ILE B 163 -11.97 -22.17 4.52
C ILE B 163 -10.86 -21.38 5.22
N GLY B 164 -11.26 -20.73 6.31
CA GLY B 164 -10.36 -19.94 7.15
C GLY B 164 -9.99 -20.65 8.43
N ILE B 165 -8.69 -20.60 8.73
CA ILE B 165 -8.10 -21.16 9.94
C ILE B 165 -7.21 -20.13 10.60
N GLN B 166 -7.51 -19.85 11.86
CA GLN B 166 -6.68 -18.95 12.65
C GLN B 166 -5.90 -19.83 13.58
N ARG B 167 -4.60 -19.88 13.34
CA ARG B 167 -3.68 -20.73 14.09
C ARG B 167 -3.62 -20.31 15.55
N SER B 168 -3.32 -19.04 15.77
CA SER B 168 -3.22 -18.51 17.11
C SER B 168 -4.57 -18.20 17.75
N ARG B 169 -4.66 -18.60 19.00
CA ARG B 169 -5.80 -18.30 19.87
C ARG B 169 -6.11 -16.81 19.97
N GLY B 170 -5.10 -15.99 19.77
CA GLY B 170 -5.29 -14.58 20.00
C GLY B 170 -5.80 -14.41 21.43
N TYR B 171 -6.92 -13.70 21.55
CA TYR B 171 -7.53 -13.44 22.84
C TYR B 171 -8.58 -14.47 23.21
N ALA B 172 -8.84 -15.39 22.28
CA ALA B 172 -9.85 -16.43 22.50
C ALA B 172 -9.38 -17.38 23.61
N ASP B 173 -10.36 -17.87 24.35
CA ASP B 173 -10.10 -18.77 25.47
C ASP B 173 -10.03 -20.23 24.99
N ARG B 174 -9.12 -20.47 24.08
CA ARG B 174 -8.88 -21.83 23.56
C ARG B 174 -7.41 -22.01 23.19
N PRO B 175 -6.95 -23.27 23.10
CA PRO B 175 -5.55 -23.40 22.75
C PRO B 175 -5.27 -23.10 21.30
N SER B 176 -4.09 -22.56 21.08
CA SER B 176 -3.60 -22.33 19.73
C SER B 176 -3.48 -23.69 19.06
N PHE B 177 -3.78 -23.68 17.77
CA PHE B 177 -3.74 -24.89 16.95
C PHE B 177 -2.37 -25.23 16.41
N THR B 178 -1.89 -26.40 16.81
CA THR B 178 -0.58 -26.89 16.34
C THR B 178 -0.67 -27.23 14.86
N ILE B 179 0.49 -27.38 14.25
CA ILE B 179 0.56 -27.74 12.83
C ILE B 179 -0.11 -29.10 12.57
N GLU B 180 0.02 -30.02 13.51
CA GLU B 180 -0.60 -31.34 13.33
C GLU B 180 -2.12 -31.19 13.31
N LYS B 181 -2.64 -30.36 14.21
CA LYS B 181 -4.08 -30.11 14.25
C LYS B 181 -4.56 -29.50 12.93
N ILE B 182 -3.74 -28.63 12.37
CA ILE B 182 -4.08 -27.93 11.14
C ILE B 182 -4.10 -28.91 9.96
N LYS B 183 -3.14 -29.81 9.93
CA LYS B 183 -3.03 -30.86 8.91
C LYS B 183 -4.31 -31.67 8.87
N GLU B 184 -4.80 -32.02 10.05
CA GLU B 184 -6.09 -32.73 10.18
C GLU B 184 -7.26 -31.94 9.60
N VAL B 186 -7.10 -29.67 7.19
CA VAL B 186 -6.90 -29.56 5.73
C VAL B 186 -7.32 -30.85 5.06
N THR B 187 -6.90 -31.97 5.66
CA THR B 187 -7.21 -33.31 5.15
C THR B 187 -8.72 -33.49 5.06
N PHE B 188 -9.37 -33.01 6.11
CA PHE B 188 -10.82 -33.14 6.24
C PHE B 188 -11.54 -32.33 5.15
N VAL B 189 -11.17 -31.07 4.99
CA VAL B 189 -11.87 -30.22 4.01
C VAL B 189 -11.54 -30.66 2.58
N LYS B 190 -10.30 -31.08 2.36
CA LYS B 190 -9.86 -31.47 1.01
C LYS B 190 -10.51 -32.78 0.58
N ASN B 191 -10.92 -33.56 1.56
CA ASN B 191 -11.57 -34.84 1.29
C ASN B 191 -12.99 -34.57 0.87
N ILE B 192 -13.53 -33.44 1.32
CA ILE B 192 -14.91 -33.05 1.00
C ILE B 192 -14.87 -32.42 -0.38
N ASN B 193 -13.92 -31.52 -0.57
CA ASN B 193 -13.74 -30.87 -1.88
C ASN B 193 -12.30 -30.38 -2.06
N PRO B 194 -11.56 -31.00 -2.98
CA PRO B 194 -10.16 -30.65 -3.11
C PRO B 194 -9.94 -29.27 -3.66
N ASN B 195 -11.00 -28.70 -4.22
CA ASN B 195 -10.95 -27.38 -4.87
C ASN B 195 -11.14 -26.25 -3.89
N ILE B 196 -11.56 -26.60 -2.69
CA ILE B 196 -11.75 -25.59 -1.65
CA ILE B 196 -11.74 -25.59 -1.65
C ILE B 196 -10.36 -25.06 -1.25
N ILE B 197 -10.25 -23.75 -1.19
CA ILE B 197 -8.99 -23.08 -0.83
C ILE B 197 -8.87 -23.01 0.69
N VAL B 198 -7.74 -23.49 1.20
CA VAL B 198 -7.50 -23.46 2.63
C VAL B 198 -6.49 -22.33 2.93
N PHE B 199 -6.99 -21.35 3.67
CA PHE B 199 -6.20 -20.20 4.11
C PHE B 199 -5.97 -20.23 5.63
N VAL B 200 -4.71 -20.06 6.02
CA VAL B 200 -4.34 -20.00 7.43
C VAL B 200 -3.74 -18.65 7.84
N ASP B 201 -4.38 -18.04 8.83
CA ASP B 201 -3.88 -16.83 9.50
C ASP B 201 -2.78 -17.36 10.41
N ASN B 202 -1.54 -17.08 10.01
CA ASN B 202 -0.35 -17.66 10.63
C ASN B 202 0.33 -16.79 11.68
N CYS B 203 -0.24 -15.64 11.96
CA CYS B 203 0.36 -14.72 12.96
C CYS B 203 0.73 -15.39 14.28
N TYR B 204 1.98 -15.12 14.66
CA TYR B 204 2.64 -15.54 15.88
C TYR B 204 3.16 -16.97 15.94
N GLY B 205 2.91 -17.71 14.88
CA GLY B 205 3.30 -19.10 14.79
C GLY B 205 4.59 -19.32 14.01
N GLU B 206 5.02 -18.29 13.32
CA GLU B 206 6.19 -18.43 12.46
C GLU B 206 7.42 -18.82 13.28
N PHE B 207 8.05 -19.90 12.82
CA PHE B 207 9.29 -20.48 13.39
C PHE B 207 9.16 -21.09 14.78
N VAL B 208 7.92 -21.25 15.23
CA VAL B 208 7.68 -21.88 16.55
C VAL B 208 7.81 -23.39 16.45
N GLU B 209 7.41 -23.93 15.31
CA GLU B 209 7.62 -25.36 15.00
C GLU B 209 8.58 -25.41 13.80
N ARG B 210 8.92 -26.62 13.37
CA ARG B 210 9.88 -26.81 12.26
C ARG B 210 9.18 -26.73 10.95
N ILE B 211 7.86 -26.75 11.08
CA ILE B 211 6.93 -26.76 9.93
CA ILE B 211 7.01 -26.69 9.89
C ILE B 211 5.94 -25.63 10.03
N GLU B 212 5.46 -25.25 8.86
CA GLU B 212 4.44 -24.19 8.69
C GLU B 212 3.22 -24.79 8.01
N PRO B 213 2.08 -24.07 8.04
CA PRO B 213 0.85 -24.65 7.52
C PRO B 213 0.89 -25.01 6.05
N THR B 214 1.73 -24.29 5.32
CA THR B 214 1.92 -24.50 3.87
C THR B 214 2.63 -25.83 3.57
N GLU B 215 3.03 -26.51 4.63
CA GLU B 215 3.72 -27.79 4.53
C GLU B 215 2.79 -28.96 4.88
N VAL B 216 1.61 -28.62 5.39
CA VAL B 216 0.61 -29.63 5.73
C VAL B 216 -0.64 -29.36 4.90
N GLY B 217 -0.41 -28.69 3.79
CA GLY B 217 -1.44 -28.50 2.78
C GLY B 217 -2.23 -27.22 2.69
N ALA B 218 -1.92 -26.23 3.52
CA ALA B 218 -2.58 -24.93 3.37
C ALA B 218 -2.20 -24.36 1.98
N ASP B 219 -3.17 -23.74 1.35
CA ASP B 219 -2.98 -23.16 0.01
C ASP B 219 -2.34 -21.80 0.07
N ILE B 220 -2.70 -21.08 1.12
CA ILE B 220 -2.24 -19.72 1.30
C ILE B 220 -2.24 -19.31 2.77
N ILE B 221 -1.24 -18.52 3.12
CA ILE B 221 -1.09 -18.02 4.48
C ILE B 221 -0.74 -16.54 4.48
N ALA B 222 -1.03 -15.92 5.60
CA ALA B 222 -0.76 -14.51 5.79
C ALA B 222 -0.34 -14.23 7.23
N GLY B 223 0.47 -13.20 7.38
CA GLY B 223 0.96 -12.73 8.70
C GLY B 223 1.52 -11.31 8.73
N SER B 224 2.00 -10.97 9.93
CA SER B 224 2.55 -9.65 10.22
C SER B 224 4.06 -9.63 10.38
N LEU B 225 4.67 -8.60 9.79
CA LEU B 225 6.12 -8.41 9.87
C LEU B 225 6.58 -7.76 11.17
N ILE B 226 5.65 -7.25 11.98
CA ILE B 226 6.03 -6.65 13.27
C ILE B 226 5.81 -7.67 14.39
N ASN B 228 6.63 -12.26 14.59
CA ASN B 228 7.74 -13.25 14.40
C ASN B 228 8.70 -13.06 13.20
N PRO B 229 8.17 -12.97 11.97
CA PRO B 229 9.10 -12.98 10.86
C PRO B 229 9.88 -11.73 10.62
N GLY B 230 9.54 -10.66 11.31
CA GLY B 230 10.26 -9.40 11.19
C GLY B 230 11.54 -9.42 12.03
N GLY B 231 11.66 -10.42 12.87
CA GLY B 231 12.84 -10.61 13.72
C GLY B 231 13.19 -9.45 14.63
N GLY B 232 12.22 -8.57 14.78
CA GLY B 232 12.30 -7.38 15.61
C GLY B 232 12.80 -6.14 14.88
N LEU B 233 13.17 -6.33 13.62
CA LEU B 233 13.78 -5.28 12.80
C LEU B 233 12.85 -4.63 11.78
N ALA B 234 11.85 -5.37 11.31
CA ALA B 234 10.91 -4.82 10.31
C ALA B 234 10.13 -3.69 10.94
N LYS B 235 10.11 -2.56 10.26
CA LYS B 235 9.46 -1.34 10.80
C LYS B 235 7.99 -1.32 10.59
N THR B 236 7.53 -2.12 9.64
CA THR B 236 6.09 -2.23 9.32
C THR B 236 5.88 -3.44 8.39
N GLY B 237 4.65 -3.67 7.95
CA GLY B 237 4.38 -4.70 6.94
C GLY B 237 3.67 -5.96 7.32
N GLY B 238 3.50 -6.72 6.26
CA GLY B 238 2.84 -8.01 6.29
C GLY B 238 3.29 -8.85 5.13
N TYR B 239 2.96 -10.13 5.21
CA TYR B 239 3.30 -11.09 4.16
C TYR B 239 2.15 -12.02 3.82
N ILE B 240 2.23 -12.51 2.59
CA ILE B 240 1.37 -13.54 2.06
C ILE B 240 2.24 -14.58 1.36
N ALA B 241 1.94 -15.85 1.60
CA ALA B 241 2.66 -16.92 0.93
C ALA B 241 1.71 -18.03 0.53
N GLY B 242 1.86 -18.47 -0.71
CA GLY B 242 1.04 -19.55 -1.22
C GLY B 242 1.22 -19.82 -2.69
N ARG B 243 0.23 -20.46 -3.27
CA ARG B 243 0.27 -20.86 -4.69
C ARG B 243 0.36 -19.63 -5.57
N ASN B 244 1.04 -19.81 -6.68
CA ASN B 244 1.34 -18.73 -7.60
C ASN B 244 0.07 -18.05 -8.12
N THR B 245 -0.89 -18.84 -8.54
CA THR B 245 -2.16 -18.29 -9.04
C THR B 245 -2.84 -17.42 -7.98
N LEU B 246 -2.78 -17.90 -6.74
CA LEU B 246 -3.43 -17.24 -5.61
C LEU B 246 -2.68 -15.95 -5.20
N VAL B 247 -1.35 -16.00 -5.19
CA VAL B 247 -0.57 -14.81 -4.86
C VAL B 247 -0.72 -13.77 -5.98
N ASP B 248 -0.86 -14.23 -7.22
CA ASP B 248 -1.10 -13.30 -8.34
C ASP B 248 -2.37 -12.46 -8.09
N LEU B 249 -3.39 -13.12 -7.56
CA LEU B 249 -4.68 -12.50 -7.32
C LEU B 249 -4.56 -11.48 -6.20
N CYS B 250 -3.80 -11.84 -5.19
CA CYS B 250 -3.56 -10.98 -4.06
C CYS B 250 -2.86 -9.72 -4.53
N GLY B 251 -1.95 -9.89 -5.48
CA GLY B 251 -1.15 -8.77 -6.04
C GLY B 251 -2.01 -7.76 -6.79
N TYR B 252 -2.99 -8.27 -7.51
CA TYR B 252 -3.94 -7.41 -8.25
C TYR B 252 -4.82 -6.62 -7.26
N ARG B 253 -5.12 -7.23 -6.13
CA ARG B 253 -5.90 -6.56 -5.08
C ARG B 253 -5.03 -5.49 -4.38
N LEU B 254 -3.74 -5.82 -4.21
CA LEU B 254 -2.79 -4.96 -3.46
C LEU B 254 -2.39 -3.73 -4.24
N THR B 255 -2.30 -3.89 -5.55
CA THR B 255 -2.05 -2.75 -6.44
C THR B 255 -3.32 -2.59 -7.24
N THR B 256 -3.24 -2.92 -8.52
CA THR B 256 -4.41 -2.93 -9.37
C THR B 256 -4.33 -4.12 -10.34
N PRO B 257 -5.48 -4.48 -10.93
CA PRO B 257 -5.43 -5.45 -12.00
C PRO B 257 -4.59 -4.88 -13.14
N GLY B 258 -3.94 -5.78 -13.86
CA GLY B 258 -3.11 -5.39 -14.98
C GLY B 258 -1.71 -4.94 -14.58
N ILE B 259 -1.49 -4.74 -13.30
CA ILE B 259 -0.17 -4.36 -12.80
C ILE B 259 0.29 -5.40 -11.78
N GLY B 260 -0.51 -5.51 -10.74
CA GLY B 260 -0.23 -6.42 -9.66
C GLY B 260 1.15 -6.24 -9.06
N ARG B 261 1.69 -7.35 -8.63
CA ARG B 261 2.92 -7.36 -7.88
C ARG B 261 4.18 -6.86 -8.54
N GLU B 262 4.09 -6.61 -9.85
CA GLU B 262 5.26 -6.12 -10.60
C GLU B 262 5.69 -4.73 -10.16
N ALA B 263 4.80 -4.06 -9.49
CA ALA B 263 5.05 -2.68 -9.12
C ALA B 263 4.96 -2.44 -7.64
N GLY B 264 5.67 -1.39 -7.24
CA GLY B 264 5.75 -0.91 -5.85
C GLY B 264 7.20 -0.74 -5.40
N ALA B 265 7.60 0.50 -5.22
CA ALA B 265 8.96 0.91 -4.77
C ALA B 265 9.21 0.39 -3.38
N SER B 266 10.44 -0.03 -3.18
CA SER B 266 10.90 -0.62 -1.92
C SER B 266 11.45 0.45 -0.98
N LEU B 267 11.88 1.54 -1.58
CA LEU B 267 12.52 2.62 -0.83
C LEU B 267 13.61 1.98 0.04
N TYR B 268 13.61 2.31 1.33
CA TYR B 268 14.71 1.89 2.23
C TYR B 268 14.46 0.70 3.15
N SER B 269 13.40 -0.04 2.88
CA SER B 269 12.94 -1.13 3.77
C SER B 269 13.54 -2.51 3.60
N LEU B 270 14.38 -2.70 2.59
CA LEU B 270 14.81 -4.07 2.24
C LEU B 270 15.76 -4.71 3.25
N LEU B 271 16.82 -4.02 3.61
CA LEU B 271 17.80 -4.60 4.53
C LEU B 271 17.17 -5.11 5.83
N GLU B 272 16.34 -4.29 6.46
CA GLU B 272 15.72 -4.66 7.75
C GLU B 272 14.82 -5.90 7.60
N TYR B 274 15.20 -8.34 5.23
CA TYR B 274 16.07 -9.46 4.97
C TYR B 274 16.75 -9.93 6.26
N GLN B 275 17.38 -8.99 6.93
CA GLN B 275 18.12 -9.29 8.16
C GLN B 275 17.19 -9.75 9.27
N GLY B 276 16.00 -9.18 9.31
CA GLY B 276 15.00 -9.55 10.30
C GLY B 276 14.54 -10.99 10.10
N PHE B 277 14.41 -11.40 8.84
CA PHE B 277 13.92 -12.75 8.49
C PHE B 277 14.99 -13.76 8.88
N PHE B 278 16.22 -13.37 8.62
CA PHE B 278 17.37 -14.22 8.95
C PHE B 278 17.49 -14.48 10.45
N LEU B 279 17.15 -13.45 11.23
CA LEU B 279 17.22 -13.51 12.69
C LEU B 279 15.98 -14.04 13.35
N ALA B 280 14.92 -14.14 12.57
CA ALA B 280 13.56 -14.49 13.07
C ALA B 280 13.44 -15.81 13.82
N PRO B 281 14.08 -16.90 13.31
CA PRO B 281 14.05 -18.17 14.02
C PRO B 281 14.62 -18.07 15.43
N HIS B 282 15.76 -17.38 15.49
CA HIS B 282 16.50 -17.16 16.72
C HIS B 282 15.75 -16.23 17.68
N VAL B 283 15.20 -15.14 17.13
CA VAL B 283 14.52 -14.18 17.97
C VAL B 283 13.21 -14.79 18.48
N THR B 284 12.57 -15.58 17.62
CA THR B 284 11.33 -16.29 17.99
C THR B 284 11.58 -17.21 19.19
N ALA B 285 12.75 -17.88 19.15
CA ALA B 285 13.22 -18.81 20.19
C ALA B 285 13.38 -18.10 21.53
N GLN B 286 13.76 -16.83 21.46
CA GLN B 286 13.94 -16.01 22.65
C GLN B 286 12.59 -15.77 23.31
N ALA B 287 11.58 -15.50 22.48
CA ALA B 287 10.24 -15.19 22.98
C ALA B 287 9.56 -16.43 23.56
N ILE B 288 9.86 -17.58 22.95
CA ILE B 288 9.32 -18.88 23.39
C ILE B 288 9.98 -19.30 24.70
N LYS B 289 11.30 -19.20 24.72
CA LYS B 289 12.06 -19.49 25.95
C LYS B 289 11.57 -18.57 27.06
N GLY B 290 11.28 -17.33 26.68
CA GLY B 290 10.79 -16.34 27.62
C GLY B 290 9.43 -16.70 28.19
N ALA B 291 8.57 -17.22 27.33
CA ALA B 291 7.20 -17.57 27.71
C ALA B 291 7.21 -18.71 28.72
N ARG B 292 8.07 -19.69 28.47
CA ARG B 292 8.15 -20.87 29.31
C ARG B 292 8.63 -20.42 30.69
N PHE B 293 9.55 -19.46 30.71
CA PHE B 293 10.11 -18.93 31.96
C PHE B 293 9.00 -18.22 32.76
N THR B 294 8.22 -17.41 32.07
CA THR B 294 7.13 -16.66 32.71
C THR B 294 6.12 -17.63 33.31
N ALA B 295 5.77 -18.62 32.51
CA ALA B 295 4.78 -19.62 32.90
C ALA B 295 5.20 -20.42 34.14
N ALA B 296 6.48 -20.77 34.16
CA ALA B 296 7.09 -21.56 35.26
C ALA B 296 7.24 -20.71 36.52
N LEU B 298 5.68 -17.73 37.33
CA LEU B 298 4.40 -17.24 37.86
C LEU B 298 3.63 -18.35 38.57
N ALA B 299 3.73 -19.56 38.04
CA ALA B 299 3.01 -20.73 38.59
C ALA B 299 3.58 -21.06 39.97
N GLU B 300 4.88 -20.81 40.06
CA GLU B 300 5.66 -21.07 41.26
C GLU B 300 5.23 -20.08 42.35
N PHE B 301 4.86 -18.89 41.92
CA PHE B 301 4.44 -17.84 42.85
C PHE B 301 2.94 -17.94 43.07
N GLY B 302 2.41 -19.09 42.69
CA GLY B 302 0.99 -19.42 42.87
C GLY B 302 0.03 -18.74 41.91
N VAL B 303 0.56 -18.22 40.83
CA VAL B 303 -0.26 -17.56 39.81
C VAL B 303 -0.53 -18.49 38.64
N GLU B 304 -1.79 -18.51 38.25
CA GLU B 304 -2.31 -19.32 37.12
C GLU B 304 -1.74 -18.88 35.75
N ALA B 305 -1.21 -19.86 35.03
CA ALA B 305 -0.55 -19.65 33.74
C ALA B 305 -1.18 -20.46 32.65
N ASP B 306 -1.32 -19.83 31.49
CA ASP B 306 -1.88 -20.49 30.32
C ASP B 306 -1.30 -19.88 29.04
N PRO B 307 -0.54 -20.69 28.27
CA PRO B 307 -0.24 -22.09 28.60
C PRO B 307 0.71 -22.37 29.76
N LEU B 308 0.74 -23.65 30.08
CA LEU B 308 1.59 -24.21 31.14
C LEU B 308 3.01 -24.27 30.60
N TRP B 309 3.97 -24.19 31.52
CA TRP B 309 5.38 -24.14 31.13
C TRP B 309 5.76 -25.36 30.32
N ASP B 310 4.99 -26.43 30.53
CA ASP B 310 5.29 -27.73 29.90
C ASP B 310 4.35 -28.07 28.78
N ALA B 311 3.55 -27.09 28.40
CA ALA B 311 2.61 -27.27 27.27
C ALA B 311 3.36 -27.36 25.95
N LYS B 312 2.73 -28.02 24.97
CA LYS B 312 3.25 -28.00 23.58
C LYS B 312 3.11 -26.56 23.13
N ARG B 313 4.07 -26.08 22.35
CA ARG B 313 4.06 -24.69 21.86
C ARG B 313 3.96 -24.59 20.35
N THR B 314 3.01 -23.78 19.88
CA THR B 314 2.86 -23.54 18.43
C THR B 314 2.90 -22.06 18.07
N ASP B 315 2.71 -21.20 19.07
CA ASP B 315 2.84 -19.76 18.88
C ASP B 315 3.46 -19.11 20.12
N LEU B 316 3.50 -17.79 20.10
CA LEU B 316 4.16 -16.99 21.14
C LEU B 316 3.26 -16.62 22.32
N ILE B 317 1.98 -16.89 22.19
CA ILE B 317 1.01 -16.46 23.20
C ILE B 317 1.27 -17.08 24.55
N GLN B 318 1.23 -16.19 25.55
CA GLN B 318 1.39 -16.55 26.96
C GLN B 318 0.62 -15.61 27.88
N SER B 319 -0.23 -16.19 28.71
CA SER B 319 -0.99 -15.40 29.69
C SER B 319 -0.78 -15.95 31.09
N VAL B 320 -1.13 -15.07 32.01
CA VAL B 320 -1.10 -15.33 33.44
C VAL B 320 -2.33 -14.63 34.03
N SER B 321 -3.06 -15.34 34.86
CA SER B 321 -4.29 -14.83 35.47
C SER B 321 -4.07 -14.60 36.95
N PHE B 322 -4.19 -13.33 37.32
CA PHE B 322 -3.89 -12.88 38.68
C PHE B 322 -5.06 -12.95 39.65
N HIS B 323 -6.27 -12.98 39.12
CA HIS B 323 -7.48 -13.01 39.93
C HIS B 323 -7.41 -11.85 40.88
N SER B 324 -6.69 -10.84 40.42
CA SER B 324 -6.47 -9.60 41.18
C SER B 324 -6.20 -8.41 40.27
N LYS B 325 -7.05 -7.41 40.35
CA LYS B 325 -6.92 -6.22 39.50
C LYS B 325 -5.61 -5.50 39.78
N ASP B 326 -5.34 -5.33 41.06
CA ASP B 326 -4.14 -4.63 41.48
C ASP B 326 -2.85 -5.33 41.09
N LYS B 327 -2.85 -6.64 41.27
CA LYS B 327 -1.68 -7.46 40.91
C LYS B 327 -1.42 -7.42 39.40
N ILE B 329 -2.35 -5.01 37.25
CA ILE B 329 -1.92 -3.67 36.81
C ILE B 329 -0.47 -3.43 37.23
N ALA B 330 -0.13 -3.86 38.44
CA ALA B 330 1.22 -3.64 38.95
C ALA B 330 2.22 -4.41 38.10
N PHE B 331 1.76 -5.52 37.54
CA PHE B 331 2.66 -6.40 36.78
C PHE B 331 2.88 -5.79 35.41
N ALA B 332 1.79 -5.37 34.77
CA ALA B 332 1.87 -4.75 33.44
C ALA B 332 2.75 -3.49 33.53
N GLN B 333 2.61 -2.76 34.62
CA GLN B 333 3.38 -1.51 34.79
C GLN B 333 4.84 -1.80 35.01
N ALA B 334 5.11 -2.91 35.69
CA ALA B 334 6.50 -3.30 35.97
C ALA B 334 7.15 -3.73 34.66
N ILE B 335 6.37 -4.33 33.77
CA ILE B 335 6.88 -4.79 32.46
C ILE B 335 7.28 -3.57 31.63
N GLN B 336 6.44 -2.54 31.62
CA GLN B 336 6.79 -1.30 30.94
C GLN B 336 8.06 -0.69 31.55
N ALA B 337 8.14 -0.74 32.87
CA ALA B 337 9.24 -0.12 33.59
C ALA B 337 10.54 -0.87 33.36
N ALA B 338 10.42 -2.08 32.82
CA ALA B 338 11.57 -2.95 32.56
C ALA B 338 11.81 -3.07 31.06
N SER B 339 11.23 -2.13 30.33
CA SER B 339 11.34 -2.08 28.86
C SER B 339 12.36 -1.02 28.42
N PRO B 340 12.88 -1.16 27.20
CA PRO B 340 13.92 -0.19 26.79
C PRO B 340 13.47 1.20 26.42
N VAL B 341 12.26 1.27 25.86
CA VAL B 341 11.73 2.53 25.33
C VAL B 341 10.47 2.94 26.04
N ASN B 342 10.44 4.20 26.43
CA ASN B 342 9.33 4.78 27.16
C ASN B 342 9.05 4.06 28.50
N ALA B 343 10.11 3.56 29.13
CA ALA B 343 9.96 2.83 30.41
C ALA B 343 9.31 3.65 31.52
N HIS B 344 9.46 4.95 31.40
CA HIS B 344 9.00 5.94 32.39
C HIS B 344 7.57 6.43 32.16
N VAL B 345 6.93 5.87 31.15
CA VAL B 345 5.56 6.22 30.81
C VAL B 345 4.69 5.01 31.18
N LEU B 346 4.29 4.96 32.43
CA LEU B 346 3.51 3.80 32.95
C LEU B 346 2.12 3.61 32.35
N PRO B 347 1.82 2.39 31.90
CA PRO B 347 0.47 2.26 31.41
C PRO B 347 -0.57 2.26 32.52
N ILE B 348 -1.74 2.76 32.16
CA ILE B 348 -2.91 2.77 33.06
C ILE B 348 -4.13 2.27 32.31
N GLY B 349 -5.15 2.03 33.09
CA GLY B 349 -6.44 1.57 32.60
C GLY B 349 -6.93 2.56 31.57
N ALA B 350 -7.20 2.02 30.39
CA ALA B 350 -7.58 2.84 29.26
C ALA B 350 -8.81 2.36 28.52
N TYR B 351 -9.61 3.35 28.17
CA TYR B 351 -10.81 3.12 27.41
C TYR B 351 -10.46 2.57 26.05
N PRO B 353 -12.56 1.53 22.43
CA PRO B 353 -13.75 1.54 21.58
C PRO B 353 -14.21 0.17 21.14
N GLY B 354 -15.44 -0.11 21.53
CA GLY B 354 -16.12 -1.34 21.19
C GLY B 354 -16.00 -2.34 22.31
N TYR B 355 -15.44 -1.88 23.41
CA TYR B 355 -15.21 -2.70 24.60
C TYR B 355 -15.78 -2.08 25.85
N GLU B 356 -16.41 -2.94 26.64
CA GLU B 356 -17.10 -2.50 27.86
C GLU B 356 -16.07 -2.27 28.96
N ASP B 357 -14.96 -2.98 28.84
CA ASP B 357 -13.90 -2.91 29.85
C ASP B 357 -12.68 -2.15 29.40
N ASP B 358 -12.08 -1.47 30.39
CA ASP B 358 -10.79 -0.80 30.18
C ASP B 358 -9.78 -1.88 29.89
N VAL B 359 -8.72 -1.47 29.21
CA VAL B 359 -7.61 -2.35 28.90
C VAL B 359 -6.31 -1.72 29.44
N ILE B 360 -5.32 -2.58 29.66
CA ILE B 360 -4.00 -2.11 30.07
C ILE B 360 -3.00 -2.69 29.14
N ALA B 362 1.27 -2.57 28.20
CA ALA B 362 2.69 -2.25 28.31
C ALA B 362 3.25 -2.45 26.90
N ALA B 363 3.90 -1.42 26.37
CA ALA B 363 4.40 -1.43 25.01
C ALA B 363 5.60 -0.50 24.80
N GLY B 364 6.63 -0.75 25.60
CA GLY B 364 7.86 0.03 25.56
C GLY B 364 8.81 -0.57 24.58
N THR B 365 8.47 -0.35 23.32
CA THR B 365 9.13 -0.98 22.19
C THR B 365 9.85 -0.02 21.23
N PHE B 366 10.78 -0.58 20.47
CA PHE B 366 11.47 0.17 19.43
C PHE B 366 10.52 0.55 18.28
N ILE B 367 9.68 -0.39 17.86
CA ILE B 367 8.73 -0.25 16.75
C ILE B 367 7.34 -0.16 17.30
N GLN B 368 6.59 0.82 16.82
CA GLN B 368 5.26 1.09 17.36
C GLN B 368 4.31 -0.06 17.11
N GLY B 369 3.87 -0.66 18.19
CA GLY B 369 2.91 -1.77 18.11
C GLY B 369 3.53 -3.10 17.85
N ALA B 370 4.86 -3.15 17.79
CA ALA B 370 5.60 -4.45 17.55
C ALA B 370 5.40 -5.43 18.70
N SER B 371 5.22 -6.70 18.33
CA SER B 371 4.88 -7.80 19.27
C SER B 371 5.88 -8.90 19.41
N LEU B 372 6.94 -8.91 18.61
CA LEU B 372 7.99 -9.91 18.85
C LEU B 372 8.84 -9.35 20.03
N GLU B 373 8.72 -8.07 20.22
CA GLU B 373 9.33 -7.38 21.33
C GLU B 373 8.44 -7.69 22.54
N LEU B 374 9.02 -7.62 23.73
CA LEU B 374 8.27 -7.85 24.97
C LEU B 374 7.24 -6.77 25.23
N THR B 375 6.02 -7.27 25.40
CA THR B 375 4.85 -6.48 25.77
C THR B 375 3.96 -7.24 26.76
N ALA B 376 2.97 -6.53 27.25
CA ALA B 376 1.97 -7.09 28.16
C ALA B 376 0.68 -6.32 28.06
N ASP B 377 -0.41 -7.06 27.98
CA ASP B 377 -1.73 -6.44 27.92
C ASP B 377 -2.86 -7.40 28.27
N GLY B 378 -4.00 -6.80 28.52
CA GLY B 378 -5.19 -7.56 28.82
C GLY B 378 -6.35 -6.67 29.17
N PRO B 379 -7.57 -7.23 29.14
CA PRO B 379 -8.76 -6.51 29.61
C PRO B 379 -8.83 -6.56 31.12
N ILE B 380 -9.19 -5.44 31.69
CA ILE B 380 -9.23 -5.31 33.13
C ILE B 380 -10.57 -5.82 33.61
N ARG B 381 -10.61 -7.13 33.80
CA ARG B 381 -11.78 -7.84 34.32
C ARG B 381 -11.43 -9.26 34.71
N GLU B 382 -12.26 -9.83 35.57
CA GLU B 382 -12.07 -11.21 36.03
C GLU B 382 -11.74 -12.07 34.83
N PRO B 383 -10.75 -12.97 34.95
CA PRO B 383 -9.93 -13.29 36.10
C PRO B 383 -8.61 -12.56 36.16
N TYR B 384 -8.56 -11.42 35.47
CA TYR B 384 -7.39 -10.56 35.44
C TYR B 384 -6.24 -11.27 34.77
N GLN B 385 -6.55 -11.63 33.53
CA GLN B 385 -5.61 -12.34 32.65
C GLN B 385 -4.76 -11.32 31.91
N LEU B 386 -3.46 -11.47 32.06
CA LEU B 386 -2.50 -10.60 31.40
C LEU B 386 -1.65 -11.42 30.44
N TYR B 387 -1.60 -10.94 29.19
CA TYR B 387 -0.75 -11.53 28.15
C TYR B 387 0.64 -10.89 28.30
N VAL B 388 1.63 -11.73 28.55
CA VAL B 388 3.03 -11.34 28.77
C VAL B 388 3.81 -12.25 27.84
N GLN B 389 4.26 -11.64 26.75
CA GLN B 389 4.89 -12.34 25.64
C GLN B 389 5.82 -11.48 24.78
N GLY B 390 6.49 -12.18 23.89
CA GLY B 390 7.53 -11.57 23.09
C GLY B 390 8.80 -11.45 23.92
N GLY B 391 9.77 -10.77 23.32
CA GLY B 391 11.10 -10.60 23.89
C GLY B 391 12.18 -10.82 22.85
N LEU B 392 12.94 -9.78 22.57
CA LEU B 392 14.01 -9.81 21.53
C LEU B 392 15.19 -10.65 22.00
N THR B 393 15.31 -10.72 23.33
CA THR B 393 16.30 -11.55 23.97
C THR B 393 15.66 -12.24 25.18
N TYR B 394 16.12 -13.46 25.43
CA TYR B 394 15.65 -14.27 26.58
C TYR B 394 16.06 -13.56 27.86
N GLU B 395 17.21 -12.89 27.78
CA GLU B 395 17.75 -12.11 28.91
C GLU B 395 16.78 -11.00 29.34
N HIS B 396 16.27 -10.29 28.35
CA HIS B 396 15.34 -9.21 28.62
C HIS B 396 14.10 -9.74 29.35
N VAL B 397 13.60 -10.88 28.91
CA VAL B 397 12.37 -11.44 29.47
C VAL B 397 12.62 -11.88 30.93
N LYS B 398 13.76 -12.51 31.16
CA LYS B 398 14.11 -12.94 32.50
C LYS B 398 14.20 -11.78 33.48
N ILE B 399 14.85 -10.72 33.03
CA ILE B 399 15.07 -9.52 33.83
C ILE B 399 13.73 -8.85 34.15
N ALA B 400 12.91 -8.70 33.11
CA ALA B 400 11.63 -7.98 33.23
C ALA B 400 10.63 -8.72 34.08
N VAL B 401 10.58 -10.03 33.90
CA VAL B 401 9.61 -10.88 34.64
C VAL B 401 10.03 -10.98 36.12
N THR B 402 11.33 -11.11 36.35
CA THR B 402 11.86 -11.20 37.72
C THR B 402 11.51 -9.90 38.45
N ARG B 403 11.68 -8.76 37.78
CA ARG B 403 11.33 -7.45 38.37
C ARG B 403 9.82 -7.27 38.56
N ALA B 404 9.04 -7.76 37.60
CA ALA B 404 7.57 -7.66 37.68
C ALA B 404 7.07 -8.46 38.89
N ILE B 405 7.68 -9.62 39.12
CA ILE B 405 7.32 -10.47 40.28
C ILE B 405 7.67 -9.71 41.57
N GLU B 406 8.91 -9.19 41.62
CA GLU B 406 9.43 -8.49 42.80
C GLU B 406 8.54 -7.26 43.07
N ASN B 407 7.97 -6.71 42.01
CA ASN B 407 7.09 -5.51 42.13
C ASN B 407 5.60 -5.72 42.40
N SER B 408 5.04 -6.91 42.18
CA SER B 408 3.58 -7.00 42.27
C SER B 408 3.09 -8.14 43.14
N LEU B 409 3.98 -9.08 43.37
CA LEU B 409 3.63 -10.26 44.16
C LEU B 409 4.41 -10.26 45.48
#